data_7UV1
#
_entry.id   7UV1
#
_entity_poly.entity_id   1
_entity_poly.type   'polypeptide(L)'
_entity_poly.pdbx_seq_one_letter_code
;GLGFALAKIDPELKQCKHQCKVQRQYDEQQKEQCVKECEKYYKEKKGREREHEHRD
;
_entity_poly.pdbx_strand_id   A
#
# COMPACT_ATOMS: atom_id res chain seq x y z
N GLY A 1 18.13 7.39 -15.65
CA GLY A 1 17.80 8.53 -14.76
C GLY A 1 18.22 8.20 -13.34
N LEU A 2 17.76 9.03 -12.38
CA LEU A 2 18.08 8.82 -10.97
C LEU A 2 16.89 8.14 -10.24
N GLY A 3 16.64 6.89 -10.60
CA GLY A 3 15.55 6.11 -10.00
C GLY A 3 16.02 5.24 -8.81
N PHE A 4 17.28 5.45 -8.38
CA PHE A 4 17.87 4.69 -7.28
C PHE A 4 17.15 4.98 -5.95
N ALA A 5 16.69 6.23 -5.77
CA ALA A 5 16.01 6.62 -4.53
C ALA A 5 14.81 5.72 -4.25
N LEU A 6 14.62 5.37 -2.98
CA LEU A 6 13.51 4.50 -2.56
C LEU A 6 12.18 5.16 -2.84
N ALA A 7 12.11 6.46 -2.58
CA ALA A 7 10.89 7.24 -2.79
C ALA A 7 9.69 6.61 -2.04
N LYS A 8 9.77 6.61 -0.71
CA LYS A 8 8.71 6.05 0.15
C LYS A 8 7.37 6.70 -0.14
N ILE A 9 6.29 5.96 0.16
CA ILE A 9 4.91 6.46 -0.04
C ILE A 9 4.12 6.35 1.28
N ASP A 10 2.81 6.58 1.20
CA ASP A 10 1.95 6.49 2.37
C ASP A 10 2.05 5.07 3.02
N PRO A 11 1.91 4.96 4.36
CA PRO A 11 2.04 3.64 5.09
C PRO A 11 0.85 2.70 4.84
N GLU A 12 -0.30 3.29 4.46
CA GLU A 12 -1.51 2.50 4.22
C GLU A 12 -1.26 1.41 3.16
N LEU A 13 -0.37 1.72 2.22
CA LEU A 13 0.02 0.74 1.19
C LEU A 13 1.00 -0.29 1.78
N LYS A 14 1.65 0.05 2.91
CA LYS A 14 2.61 -0.85 3.53
C LYS A 14 1.90 -2.13 3.93
N GLN A 15 0.77 -1.97 4.61
CA GLN A 15 -0.06 -3.09 5.05
C GLN A 15 -0.80 -3.77 3.89
N CYS A 16 -1.37 -2.96 2.97
CA CYS A 16 -2.17 -3.51 1.85
C CYS A 16 -1.28 -4.24 0.83
N LYS A 17 -0.15 -3.61 0.49
CA LYS A 17 0.84 -4.21 -0.44
C LYS A 17 1.38 -5.50 0.17
N HIS A 18 1.64 -5.46 1.49
CA HIS A 18 2.14 -6.62 2.21
C HIS A 18 1.14 -7.75 2.08
N GLN A 19 -0.15 -7.43 2.23
CA GLN A 19 -1.20 -8.41 2.11
C GLN A 19 -1.23 -9.00 0.70
N CYS A 20 -1.02 -8.14 -0.32
CA CYS A 20 -1.02 -8.57 -1.71
C CYS A 20 0.14 -9.51 -2.01
N LYS A 21 1.31 -9.16 -1.46
CA LYS A 21 2.54 -9.90 -1.73
C LYS A 21 2.66 -11.19 -0.89
N VAL A 22 1.90 -11.27 0.22
CA VAL A 22 1.97 -12.45 1.12
C VAL A 22 0.88 -13.49 0.79
N GLN A 23 -0.27 -13.02 0.30
CA GLN A 23 -1.38 -13.92 -0.03
C GLN A 23 -1.38 -14.25 -1.53
N ARG A 24 -1.30 -15.55 -1.84
CA ARG A 24 -1.29 -16.01 -3.24
C ARG A 24 -0.23 -15.27 -4.04
N GLN A 25 0.96 -15.89 -4.18
CA GLN A 25 2.08 -15.28 -4.91
C GLN A 25 1.60 -14.74 -6.26
N TYR A 26 2.06 -13.53 -6.61
CA TYR A 26 1.63 -12.88 -7.85
C TYR A 26 2.83 -12.51 -8.71
N ASP A 27 2.62 -12.59 -10.04
CA ASP A 27 3.64 -12.17 -11.00
C ASP A 27 3.80 -10.66 -10.90
N GLU A 28 4.72 -10.08 -11.70
CA GLU A 28 4.94 -8.64 -11.66
C GLU A 28 3.68 -7.87 -12.05
N GLN A 29 3.00 -8.38 -13.09
CA GLN A 29 1.75 -7.76 -13.55
C GLN A 29 0.60 -8.03 -12.59
N GLN A 30 0.53 -9.25 -12.04
CA GLN A 30 -0.54 -9.61 -11.11
C GLN A 30 -0.44 -8.82 -9.81
N LYS A 31 0.80 -8.67 -9.30
CA LYS A 31 1.03 -7.88 -8.09
C LYS A 31 0.75 -6.39 -8.36
N GLU A 32 0.97 -5.98 -9.62
CA GLU A 32 0.71 -4.62 -10.04
C GLU A 32 -0.77 -4.29 -9.86
N GLN A 33 -1.64 -5.27 -10.23
CA GLN A 33 -3.08 -5.12 -10.10
C GLN A 33 -3.51 -4.99 -8.63
N CYS A 34 -2.90 -5.81 -7.75
CA CYS A 34 -3.27 -5.78 -6.33
C CYS A 34 -2.86 -4.44 -5.70
N VAL A 35 -1.63 -3.99 -6.03
CA VAL A 35 -1.16 -2.68 -5.58
C VAL A 35 -2.08 -1.61 -6.15
N LYS A 36 -2.51 -1.80 -7.41
CA LYS A 36 -3.39 -0.83 -8.06
C LYS A 36 -4.67 -0.68 -7.24
N GLU A 37 -5.23 -1.81 -6.77
CA GLU A 37 -6.45 -1.79 -5.96
C GLU A 37 -6.20 -1.11 -4.60
N CYS A 38 -5.09 -1.45 -3.95
CA CYS A 38 -4.73 -0.86 -2.65
C CYS A 38 -4.47 0.64 -2.80
N GLU A 39 -3.73 0.94 -3.85
CA GLU A 39 -3.37 2.29 -4.20
C GLU A 39 -4.62 3.05 -4.60
N LYS A 40 -5.59 2.35 -5.21
CA LYS A 40 -6.85 2.95 -5.63
C LYS A 40 -7.60 3.49 -4.42
N TYR A 41 -7.58 2.75 -3.29
CA TYR A 41 -8.27 3.23 -2.08
C TYR A 41 -7.68 4.56 -1.67
N TYR A 42 -6.34 4.64 -1.66
CA TYR A 42 -5.64 5.89 -1.35
C TYR A 42 -5.97 6.97 -2.40
N LYS A 43 -5.89 6.59 -3.67
CA LYS A 43 -6.06 7.50 -4.79
C LYS A 43 -7.44 8.16 -4.80
N GLU A 44 -8.46 7.33 -4.68
CA GLU A 44 -9.84 7.80 -4.71
C GLU A 44 -10.15 8.71 -3.52
N LYS A 45 -9.77 8.27 -2.32
CA LYS A 45 -10.02 9.03 -1.09
C LYS A 45 -9.21 10.32 -1.07
N LYS A 46 -7.95 10.24 -1.54
CA LYS A 46 -7.04 11.40 -1.60
C LYS A 46 -7.16 12.32 -0.37
N GLY A 47 -7.51 11.72 0.78
CA GLY A 47 -7.65 12.47 2.03
C GLY A 47 -6.53 12.12 3.01
N ARG A 48 -6.71 12.51 4.29
CA ARG A 48 -5.74 12.22 5.35
C ARG A 48 -5.57 10.70 5.50
N GLU A 49 -6.70 9.98 5.47
CA GLU A 49 -6.71 8.51 5.56
C GLU A 49 -6.19 8.03 6.91
N ARG A 50 -6.93 7.09 7.51
CA ARG A 50 -6.56 6.48 8.79
C ARG A 50 -6.72 4.97 8.72
N GLU A 51 -5.91 4.25 9.52
CA GLU A 51 -5.95 2.78 9.53
C GLU A 51 -5.61 2.24 10.92
N HIS A 52 -6.02 0.99 11.17
CA HIS A 52 -5.77 0.33 12.45
C HIS A 52 -4.27 0.13 12.67
N GLU A 53 -3.55 -0.22 11.60
CA GLU A 53 -2.11 -0.46 11.66
C GLU A 53 -1.79 -1.69 12.54
N HIS A 54 -2.56 -2.77 12.35
CA HIS A 54 -2.37 -4.01 13.09
C HIS A 54 -1.00 -4.62 12.80
N ARG A 55 -0.59 -4.56 11.52
CA ARG A 55 0.70 -5.11 11.10
C ARG A 55 1.64 -4.00 10.66
N ASP A 56 2.89 -4.06 11.16
CA ASP A 56 3.91 -3.05 10.82
C ASP A 56 3.38 -1.64 11.02
N GLY A 1 10.11 20.45 9.27
CA GLY A 1 9.05 20.62 10.31
C GLY A 1 9.05 19.40 11.22
N LEU A 2 8.45 18.30 10.74
CA LEU A 2 8.37 17.04 11.50
C LEU A 2 7.52 17.20 12.78
N GLY A 3 8.08 17.87 13.80
CA GLY A 3 7.38 18.07 15.07
C GLY A 3 7.00 16.74 15.70
N PHE A 4 5.74 16.62 16.14
CA PHE A 4 5.23 15.37 16.73
C PHE A 4 4.11 14.79 15.88
N ALA A 5 4.44 13.75 15.10
CA ALA A 5 3.45 13.09 14.25
C ALA A 5 3.96 11.71 13.81
N LEU A 6 3.03 10.75 13.64
CA LEU A 6 3.39 9.39 13.22
C LEU A 6 2.58 8.98 11.98
N ALA A 7 3.30 8.55 10.93
CA ALA A 7 2.67 8.13 9.66
C ALA A 7 1.84 6.87 9.86
N LYS A 8 0.81 6.71 9.00
CA LYS A 8 -0.09 5.56 9.08
C LYS A 8 -0.70 5.20 7.73
N ILE A 9 -1.21 3.97 7.64
CA ILE A 9 -1.85 3.45 6.43
C ILE A 9 -3.20 2.82 6.79
N ASP A 10 -4.18 2.96 5.88
CA ASP A 10 -5.50 2.40 6.10
C ASP A 10 -5.44 0.86 6.13
N PRO A 11 -6.35 0.17 6.86
CA PRO A 11 -6.34 -1.34 6.96
C PRO A 11 -6.49 -1.99 5.59
N GLU A 12 -7.18 -1.28 4.68
CA GLU A 12 -7.40 -1.78 3.33
C GLU A 12 -6.07 -1.92 2.59
N LEU A 13 -5.18 -0.93 2.78
CA LEU A 13 -3.84 -0.99 2.14
C LEU A 13 -2.83 -1.71 3.02
N LYS A 14 -3.05 -1.73 4.34
CA LYS A 14 -2.09 -2.38 5.23
C LYS A 14 -1.98 -3.86 4.87
N GLN A 15 -3.14 -4.49 4.77
CA GLN A 15 -3.21 -5.90 4.40
C GLN A 15 -2.97 -6.10 2.89
N CYS A 16 -3.61 -5.24 2.07
CA CYS A 16 -3.51 -5.36 0.61
C CYS A 16 -2.08 -5.12 0.11
N LYS A 17 -1.50 -3.99 0.52
CA LYS A 17 -0.17 -3.59 0.07
C LYS A 17 0.92 -4.51 0.60
N HIS A 18 0.82 -4.89 1.88
CA HIS A 18 1.84 -5.72 2.49
C HIS A 18 1.93 -7.06 1.77
N GLN A 19 0.77 -7.69 1.56
CA GLN A 19 0.72 -9.00 0.91
C GLN A 19 1.05 -8.93 -0.59
N CYS A 20 0.53 -7.89 -1.27
CA CYS A 20 0.74 -7.73 -2.72
C CYS A 20 2.18 -7.35 -3.04
N LYS A 21 2.73 -6.44 -2.26
CA LYS A 21 4.11 -5.98 -2.45
C LYS A 21 5.09 -7.12 -2.13
N VAL A 22 4.81 -7.86 -1.06
CA VAL A 22 5.70 -8.96 -0.64
C VAL A 22 5.62 -10.16 -1.60
N GLN A 23 4.48 -10.31 -2.31
CA GLN A 23 4.29 -11.40 -3.30
C GLN A 23 4.24 -12.78 -2.62
N ARG A 24 3.82 -12.81 -1.34
CA ARG A 24 3.73 -14.07 -0.59
C ARG A 24 2.72 -15.02 -1.23
N GLN A 25 1.54 -14.50 -1.60
CA GLN A 25 0.47 -15.31 -2.18
C GLN A 25 -0.06 -14.74 -3.50
N TYR A 26 0.72 -13.86 -4.15
CA TYR A 26 0.30 -13.25 -5.41
C TYR A 26 1.36 -13.41 -6.50
N ASP A 27 0.89 -13.51 -7.75
CA ASP A 27 1.76 -13.62 -8.92
C ASP A 27 2.37 -12.26 -9.22
N GLU A 28 3.42 -12.24 -10.04
CA GLU A 28 4.08 -10.98 -10.41
C GLU A 28 3.11 -10.06 -11.13
N GLN A 29 2.31 -10.64 -12.02
CA GLN A 29 1.31 -9.89 -12.76
C GLN A 29 0.17 -9.44 -11.85
N GLN A 30 -0.22 -10.34 -10.93
CA GLN A 30 -1.32 -10.05 -9.99
C GLN A 30 -0.95 -8.93 -9.03
N LYS A 31 0.30 -8.94 -8.52
CA LYS A 31 0.74 -7.92 -7.58
C LYS A 31 0.81 -6.54 -8.23
N GLU A 32 1.18 -6.50 -9.52
CA GLU A 32 1.23 -5.23 -10.26
C GLU A 32 -0.17 -4.62 -10.34
N GLN A 33 -1.15 -5.47 -10.65
CA GLN A 33 -2.55 -5.05 -10.71
C GLN A 33 -3.06 -4.68 -9.31
N CYS A 34 -2.65 -5.46 -8.32
CA CYS A 34 -3.06 -5.25 -6.93
C CYS A 34 -2.62 -3.89 -6.42
N VAL A 35 -1.35 -3.55 -6.66
CA VAL A 35 -0.79 -2.28 -6.23
C VAL A 35 -1.54 -1.13 -6.87
N LYS A 36 -1.85 -1.24 -8.16
CA LYS A 36 -2.56 -0.16 -8.85
C LYS A 36 -3.91 0.14 -8.19
N GLU A 37 -4.67 -0.92 -7.84
CA GLU A 37 -5.99 -0.72 -7.20
C GLU A 37 -5.89 -0.19 -5.77
N CYS A 38 -5.08 -0.87 -4.95
CA CYS A 38 -4.91 -0.51 -3.55
C CYS A 38 -4.20 0.83 -3.36
N GLU A 39 -3.18 1.07 -4.19
CA GLU A 39 -2.45 2.33 -4.15
C GLU A 39 -3.40 3.48 -4.49
N LYS A 40 -4.33 3.23 -5.44
CA LYS A 40 -5.32 4.23 -5.82
C LYS A 40 -6.16 4.65 -4.62
N TYR A 41 -6.50 3.67 -3.74
CA TYR A 41 -7.30 3.99 -2.55
C TYR A 41 -6.56 5.02 -1.69
N TYR A 42 -5.25 4.78 -1.49
CA TYR A 42 -4.40 5.70 -0.71
C TYR A 42 -4.22 7.03 -1.46
N LYS A 43 -4.06 6.93 -2.78
CA LYS A 43 -3.86 8.10 -3.64
C LYS A 43 -5.05 9.02 -3.57
N GLU A 44 -6.24 8.43 -3.56
CA GLU A 44 -7.49 9.17 -3.46
C GLU A 44 -7.54 9.94 -2.12
N LYS A 45 -7.08 9.28 -1.06
CA LYS A 45 -7.07 9.88 0.28
C LYS A 45 -6.20 11.13 0.29
N LYS A 46 -5.04 11.06 -0.40
CA LYS A 46 -4.10 12.19 -0.48
C LYS A 46 -3.58 12.57 0.90
N GLY A 47 -2.66 13.55 0.92
CA GLY A 47 -2.04 14.01 2.18
C GLY A 47 -0.59 14.41 1.95
N ARG A 48 0.12 14.70 3.06
CA ARG A 48 1.53 15.08 2.98
C ARG A 48 2.39 13.89 2.56
N GLU A 49 3.43 14.17 1.75
CA GLU A 49 4.31 13.12 1.22
C GLU A 49 5.29 12.61 2.28
N ARG A 50 5.49 11.29 2.27
CA ARG A 50 6.42 10.63 3.18
C ARG A 50 7.22 9.55 2.45
N GLU A 51 8.44 9.30 2.94
CA GLU A 51 9.34 8.32 2.32
C GLU A 51 9.66 7.18 3.30
N HIS A 52 9.78 5.97 2.75
CA HIS A 52 10.09 4.78 3.56
C HIS A 52 9.00 4.55 4.64
N GLU A 53 7.76 4.34 4.18
CA GLU A 53 6.62 4.10 5.10
C GLU A 53 5.89 2.81 4.72
N HIS A 54 5.84 1.86 5.68
CA HIS A 54 5.18 0.57 5.47
C HIS A 54 4.77 -0.04 6.81
N ARG A 55 4.19 -1.25 6.75
CA ARG A 55 3.74 -1.96 7.95
C ARG A 55 4.89 -2.08 8.96
N ASP A 56 4.59 -1.72 10.22
CA ASP A 56 5.59 -1.79 11.29
C ASP A 56 5.84 -3.23 11.72
N GLY A 1 12.21 -3.14 17.72
CA GLY A 1 10.97 -3.52 18.46
C GLY A 1 9.77 -2.91 17.76
N LEU A 2 8.59 -3.06 18.38
CA LEU A 2 7.35 -2.52 17.82
C LEU A 2 7.41 -1.00 17.70
N GLY A 3 7.99 -0.36 18.72
CA GLY A 3 8.12 1.10 18.73
C GLY A 3 6.77 1.76 19.01
N PHE A 4 6.68 3.06 18.66
CA PHE A 4 5.44 3.82 18.86
C PHE A 4 4.85 4.24 17.52
N ALA A 5 3.57 3.91 17.32
CA ALA A 5 2.87 4.26 16.08
C ALA A 5 2.69 5.77 15.96
N LEU A 6 2.88 6.29 14.74
CA LEU A 6 2.72 7.72 14.48
C LEU A 6 2.70 8.00 12.98
N ALA A 7 3.81 7.68 12.30
CA ALA A 7 3.93 7.89 10.86
C ALA A 7 3.66 6.60 10.10
N LYS A 8 2.53 6.58 9.37
CA LYS A 8 2.14 5.42 8.58
C LYS A 8 1.12 5.80 7.52
N ILE A 9 0.92 4.93 6.52
CA ILE A 9 -0.05 5.17 5.45
C ILE A 9 -1.48 5.03 5.98
N ASP A 10 -2.46 5.15 5.07
CA ASP A 10 -3.87 5.02 5.44
C ASP A 10 -4.19 3.57 5.89
N PRO A 11 -5.19 3.36 6.76
CA PRO A 11 -5.52 1.98 7.30
C PRO A 11 -6.00 1.02 6.21
N GLU A 12 -6.68 1.55 5.18
CA GLU A 12 -7.22 0.72 4.10
C GLU A 12 -6.11 0.00 3.34
N LEU A 13 -4.94 0.65 3.20
CA LEU A 13 -3.81 0.03 2.51
C LEU A 13 -3.04 -0.91 3.43
N LYS A 14 -3.26 -0.82 4.75
CA LYS A 14 -2.56 -1.71 5.67
C LYS A 14 -2.93 -3.15 5.38
N GLN A 15 -4.22 -3.39 5.23
CA GLN A 15 -4.72 -4.71 4.86
C GLN A 15 -4.42 -5.01 3.38
N CYS A 16 -4.57 -3.98 2.54
CA CYS A 16 -4.39 -4.12 1.09
C CYS A 16 -2.93 -4.52 0.72
N LYS A 17 -2.00 -3.61 0.99
CA LYS A 17 -0.57 -3.82 0.68
C LYS A 17 0.07 -4.96 1.46
N HIS A 18 -0.27 -5.10 2.75
CA HIS A 18 0.36 -6.14 3.56
C HIS A 18 0.08 -7.50 2.97
N GLN A 19 -1.18 -7.75 2.61
CA GLN A 19 -1.57 -9.04 2.05
C GLN A 19 -0.88 -9.32 0.70
N CYS A 20 -0.83 -8.30 -0.17
CA CYS A 20 -0.23 -8.47 -1.50
C CYS A 20 1.29 -8.59 -1.44
N LYS A 21 1.89 -7.73 -0.63
CA LYS A 21 3.34 -7.69 -0.47
C LYS A 21 3.85 -8.92 0.29
N VAL A 22 3.11 -9.33 1.32
CA VAL A 22 3.49 -10.50 2.15
C VAL A 22 3.37 -11.81 1.36
N GLN A 23 2.35 -11.90 0.47
CA GLN A 23 2.09 -13.13 -0.31
C GLN A 23 3.39 -13.74 -0.84
N ARG A 24 3.57 -15.04 -0.56
CA ARG A 24 4.78 -15.77 -0.97
C ARG A 24 4.77 -16.05 -2.47
N GLN A 25 5.86 -15.67 -3.14
CA GLN A 25 6.01 -15.91 -4.58
C GLN A 25 4.77 -15.46 -5.37
N TYR A 26 4.30 -14.24 -5.09
CA TYR A 26 3.14 -13.68 -5.78
C TYR A 26 3.53 -13.27 -7.19
N ASP A 27 2.64 -13.51 -8.17
CA ASP A 27 2.93 -13.18 -9.57
C ASP A 27 3.28 -11.71 -9.70
N GLU A 28 4.24 -11.43 -10.57
CA GLU A 28 4.73 -10.06 -10.78
C GLU A 28 3.63 -9.17 -11.29
N GLN A 29 2.88 -9.67 -12.27
CA GLN A 29 1.77 -8.93 -12.85
C GLN A 29 0.69 -8.69 -11.80
N GLN A 30 0.53 -9.66 -10.88
CA GLN A 30 -0.46 -9.54 -9.80
C GLN A 30 -0.05 -8.48 -8.78
N LYS A 31 1.25 -8.43 -8.48
CA LYS A 31 1.78 -7.47 -7.51
C LYS A 31 1.52 -6.04 -7.96
N GLU A 32 1.73 -5.78 -9.26
CA GLU A 32 1.52 -4.45 -9.82
C GLU A 32 0.03 -4.06 -9.76
N GLN A 33 -0.83 -5.04 -10.07
CA GLN A 33 -2.27 -4.80 -10.08
C GLN A 33 -2.81 -4.50 -8.69
N CYS A 34 -2.33 -5.24 -7.68
CA CYS A 34 -2.79 -5.04 -6.30
C CYS A 34 -2.45 -3.65 -5.81
N VAL A 35 -1.17 -3.25 -5.98
CA VAL A 35 -0.72 -1.94 -5.57
C VAL A 35 -1.53 -0.89 -6.31
N LYS A 36 -1.81 -1.12 -7.59
CA LYS A 36 -2.59 -0.16 -8.38
C LYS A 36 -3.95 0.07 -7.71
N GLU A 37 -4.63 -1.02 -7.32
CA GLU A 37 -5.95 -0.92 -6.67
C GLU A 37 -5.86 -0.34 -5.25
N CYS A 38 -4.85 -0.79 -4.50
CA CYS A 38 -4.64 -0.35 -3.11
C CYS A 38 -4.28 1.15 -3.11
N GLU A 39 -3.38 1.48 -4.02
CA GLU A 39 -2.90 2.83 -4.21
C GLU A 39 -4.04 3.72 -4.68
N LYS A 40 -4.95 3.16 -5.50
CA LYS A 40 -6.11 3.91 -6.02
C LYS A 40 -6.97 4.41 -4.87
N TYR A 41 -7.15 3.57 -3.82
CA TYR A 41 -7.93 4.00 -2.66
C TYR A 41 -7.27 5.22 -2.03
N TYR A 42 -5.94 5.14 -1.89
CA TYR A 42 -5.15 6.27 -1.38
C TYR A 42 -5.30 7.50 -2.31
N LYS A 43 -5.16 7.24 -3.61
CA LYS A 43 -5.20 8.28 -4.63
C LYS A 43 -6.52 9.02 -4.64
N GLU A 44 -7.60 8.26 -4.47
CA GLU A 44 -8.95 8.83 -4.46
C GLU A 44 -9.08 9.84 -3.31
N LYS A 45 -8.56 9.47 -2.13
CA LYS A 45 -8.63 10.33 -0.95
C LYS A 45 -7.86 11.64 -1.16
N LYS A 46 -6.73 11.55 -1.86
CA LYS A 46 -5.83 12.72 -2.08
C LYS A 46 -5.19 13.16 -0.76
N GLY A 47 -4.84 12.17 0.07
CA GLY A 47 -4.20 12.43 1.38
C GLY A 47 -2.69 12.56 1.22
N ARG A 48 -2.00 12.75 2.37
CA ARG A 48 -0.54 12.90 2.37
C ARG A 48 0.14 11.54 2.57
N GLU A 49 1.31 11.37 1.93
CA GLU A 49 2.06 10.11 2.00
C GLU A 49 2.94 10.05 3.24
N ARG A 50 2.78 8.97 4.02
CA ARG A 50 3.59 8.75 5.21
C ARG A 50 4.02 7.29 5.30
N GLU A 51 5.25 7.06 5.79
CA GLU A 51 5.77 5.69 5.94
C GLU A 51 6.89 5.63 6.97
N HIS A 52 7.07 4.45 7.57
CA HIS A 52 8.12 4.23 8.56
C HIS A 52 8.39 2.74 8.74
N GLU A 53 7.32 1.96 8.90
CA GLU A 53 7.41 0.51 9.07
C GLU A 53 6.35 -0.21 8.24
N HIS A 54 6.75 -1.25 7.52
CA HIS A 54 5.84 -2.01 6.67
C HIS A 54 6.36 -3.44 6.45
N ARG A 55 5.42 -4.40 6.31
CA ARG A 55 5.80 -5.79 6.08
C ARG A 55 6.55 -5.92 4.76
N ASP A 56 7.55 -6.80 4.73
CA ASP A 56 8.35 -7.02 3.53
C ASP A 56 7.89 -8.27 2.78
N GLY A 1 -15.38 11.81 0.92
CA GLY A 1 -16.22 12.17 2.08
C GLY A 1 -15.51 13.23 2.91
N LEU A 2 -15.37 12.95 4.22
CA LEU A 2 -14.70 13.87 5.14
C LEU A 2 -13.19 13.85 4.91
N GLY A 3 -12.53 14.98 5.17
CA GLY A 3 -11.08 15.09 4.98
C GLY A 3 -10.34 14.13 5.91
N PHE A 4 -9.19 13.65 5.46
CA PHE A 4 -8.37 12.70 6.23
C PHE A 4 -7.07 13.35 6.69
N ALA A 5 -6.83 13.31 8.00
CA ALA A 5 -5.62 13.89 8.59
C ALA A 5 -4.56 12.82 8.82
N LEU A 6 -3.37 13.24 9.30
CA LEU A 6 -2.25 12.32 9.58
C LEU A 6 -1.58 11.84 8.29
N ALA A 7 -0.26 12.08 8.20
CA ALA A 7 0.54 11.69 7.05
C ALA A 7 0.53 10.18 6.85
N LYS A 8 0.59 9.45 7.98
CA LYS A 8 0.65 7.97 7.94
C LYS A 8 -0.50 7.40 7.09
N ILE A 9 -0.17 6.40 6.27
CA ILE A 9 -1.16 5.75 5.39
C ILE A 9 -2.37 5.30 6.19
N ASP A 10 -3.46 5.00 5.47
CA ASP A 10 -4.70 4.55 6.09
C ASP A 10 -4.52 3.11 6.64
N PRO A 11 -5.23 2.74 7.72
CA PRO A 11 -5.12 1.35 8.33
C PRO A 11 -5.58 0.27 7.35
N GLU A 12 -6.49 0.65 6.46
CA GLU A 12 -7.04 -0.27 5.46
C GLU A 12 -5.95 -0.82 4.54
N LEU A 13 -4.90 -0.01 4.30
CA LEU A 13 -3.79 -0.44 3.44
C LEU A 13 -2.88 -1.44 4.11
N LYS A 14 -2.93 -1.51 5.46
CA LYS A 14 -2.08 -2.47 6.17
C LYS A 14 -2.43 -3.88 5.72
N GLN A 15 -3.73 -4.13 5.64
CA GLN A 15 -4.25 -5.38 5.12
C GLN A 15 -4.06 -5.48 3.61
N CYS A 16 -4.26 -4.35 2.91
CA CYS A 16 -4.21 -4.31 1.44
C CYS A 16 -2.80 -4.65 0.89
N LYS A 17 -1.79 -3.93 1.38
CA LYS A 17 -0.40 -4.15 0.95
C LYS A 17 0.17 -5.45 1.47
N HIS A 18 -0.23 -5.82 2.70
CA HIS A 18 0.22 -7.06 3.30
C HIS A 18 -0.18 -8.21 2.39
N GLN A 19 -1.42 -8.17 1.94
CA GLN A 19 -1.95 -9.19 1.07
C GLN A 19 -1.28 -9.21 -0.32
N CYS A 20 -0.98 -8.01 -0.90
CA CYS A 20 -0.34 -7.99 -2.22
C CYS A 20 1.04 -8.61 -2.14
N LYS A 21 1.83 -8.07 -1.22
CA LYS A 21 3.20 -8.47 -1.00
C LYS A 21 3.34 -9.92 -0.49
N VAL A 22 2.53 -10.28 0.52
CA VAL A 22 2.62 -11.61 1.16
C VAL A 22 2.09 -12.76 0.27
N GLN A 23 1.05 -12.48 -0.53
CA GLN A 23 0.39 -13.53 -1.37
C GLN A 23 1.41 -14.53 -1.96
N ARG A 24 1.08 -15.82 -1.80
CA ARG A 24 1.96 -16.91 -2.25
C ARG A 24 2.11 -16.89 -3.77
N GLN A 25 3.37 -17.01 -4.23
CA GLN A 25 3.68 -17.02 -5.66
C GLN A 25 3.04 -15.81 -6.36
N TYR A 26 3.12 -14.64 -5.71
CA TYR A 26 2.57 -13.41 -6.29
C TYR A 26 3.47 -12.89 -7.41
N ASP A 27 2.99 -13.04 -8.65
CA ASP A 27 3.73 -12.66 -9.86
C ASP A 27 3.99 -11.18 -9.90
N GLU A 28 4.98 -10.79 -10.71
CA GLU A 28 5.34 -9.38 -10.87
C GLU A 28 4.18 -8.57 -11.45
N GLN A 29 3.50 -9.16 -12.42
CA GLN A 29 2.35 -8.51 -13.07
C GLN A 29 1.15 -8.43 -12.12
N GLN A 30 0.89 -9.54 -11.40
CA GLN A 30 -0.23 -9.61 -10.47
C GLN A 30 -0.02 -8.71 -9.25
N LYS A 31 1.22 -8.66 -8.74
CA LYS A 31 1.53 -7.85 -7.56
C LYS A 31 1.38 -6.36 -7.85
N GLU A 32 1.77 -5.95 -9.06
CA GLU A 32 1.62 -4.56 -9.46
C GLU A 32 0.15 -4.18 -9.52
N GLN A 33 -0.68 -5.10 -10.03
CA GLN A 33 -2.12 -4.87 -10.11
C GLN A 33 -2.69 -4.70 -8.69
N CYS A 34 -2.22 -5.53 -7.75
CA CYS A 34 -2.68 -5.45 -6.36
C CYS A 34 -2.26 -4.12 -5.75
N VAL A 35 -1.01 -3.71 -6.01
CA VAL A 35 -0.48 -2.45 -5.53
C VAL A 35 -1.31 -1.30 -6.11
N LYS A 36 -1.66 -1.39 -7.41
CA LYS A 36 -2.43 -0.32 -8.06
C LYS A 36 -3.76 -0.11 -7.37
N GLU A 37 -4.43 -1.20 -6.97
CA GLU A 37 -5.72 -1.11 -6.28
C GLU A 37 -5.54 -0.53 -4.88
N CYS A 38 -4.57 -1.09 -4.14
CA CYS A 38 -4.30 -0.64 -2.76
C CYS A 38 -3.86 0.83 -2.77
N GLU A 39 -2.92 1.10 -3.66
CA GLU A 39 -2.38 2.42 -3.85
C GLU A 39 -3.47 3.37 -4.30
N LYS A 40 -4.40 2.86 -5.12
CA LYS A 40 -5.50 3.68 -5.61
C LYS A 40 -6.33 4.21 -4.44
N TYR A 41 -6.57 3.37 -3.42
CA TYR A 41 -7.34 3.83 -2.25
C TYR A 41 -6.63 5.02 -1.63
N TYR A 42 -5.29 4.93 -1.54
CA TYR A 42 -4.47 6.05 -1.08
C TYR A 42 -4.61 7.26 -2.06
N LYS A 43 -4.50 6.97 -3.36
CA LYS A 43 -4.47 8.00 -4.40
C LYS A 43 -5.73 8.84 -4.38
N GLU A 44 -6.88 8.18 -4.29
CA GLU A 44 -8.15 8.86 -4.22
C GLU A 44 -8.18 9.78 -2.97
N LYS A 45 -7.66 9.25 -1.84
CA LYS A 45 -7.63 10.00 -0.58
C LYS A 45 -6.73 11.24 -0.68
N LYS A 46 -5.60 11.11 -1.38
CA LYS A 46 -4.65 12.24 -1.57
C LYS A 46 -4.09 12.75 -0.21
N GLY A 47 -3.55 11.81 0.59
CA GLY A 47 -2.97 12.16 1.90
C GLY A 47 -1.50 12.58 1.79
N ARG A 48 -1.27 13.89 1.62
CA ARG A 48 0.09 14.46 1.55
C ARG A 48 0.88 13.89 0.37
N GLU A 49 1.77 14.73 -0.21
CA GLU A 49 2.59 14.33 -1.35
C GLU A 49 3.56 13.21 -0.98
N ARG A 50 4.15 13.30 0.22
CA ARG A 50 5.09 12.28 0.70
C ARG A 50 4.36 11.32 1.64
N GLU A 51 4.50 10.01 1.38
CA GLU A 51 3.78 9.01 2.16
C GLU A 51 4.70 8.00 2.84
N HIS A 52 4.40 7.71 4.11
CA HIS A 52 5.17 6.73 4.89
C HIS A 52 4.29 5.49 5.15
N GLU A 53 4.78 4.31 4.74
CA GLU A 53 4.03 3.05 4.94
C GLU A 53 4.90 1.99 5.62
N HIS A 54 4.34 1.39 6.67
CA HIS A 54 5.03 0.37 7.46
C HIS A 54 5.37 -0.88 6.63
N ARG A 55 4.38 -1.37 5.87
CA ARG A 55 4.56 -2.59 5.06
C ARG A 55 4.56 -2.28 3.57
N ASP A 56 5.54 -2.84 2.85
CA ASP A 56 5.68 -2.63 1.40
C ASP A 56 5.93 -1.15 1.10
N GLY A 1 19.96 14.40 3.65
CA GLY A 1 18.48 14.61 3.70
C GLY A 1 17.82 13.81 2.58
N LEU A 2 17.85 14.37 1.36
CA LEU A 2 17.27 13.71 0.18
C LEU A 2 15.77 13.44 0.41
N GLY A 3 14.96 14.50 0.26
CA GLY A 3 13.50 14.40 0.44
C GLY A 3 13.08 15.07 1.74
N PHE A 4 11.94 15.79 1.68
CA PHE A 4 11.43 16.51 2.86
C PHE A 4 11.03 15.54 3.96
N ALA A 5 10.36 14.44 3.59
CA ALA A 5 9.92 13.43 4.56
C ALA A 5 9.62 12.09 3.89
N LEU A 6 9.75 11.00 4.68
CA LEU A 6 9.49 9.59 4.26
C LEU A 6 9.24 9.42 2.73
N ALA A 7 8.02 9.74 2.28
CA ALA A 7 7.65 9.60 0.88
C ALA A 7 6.41 10.42 0.54
N LYS A 8 6.15 10.59 -0.76
CA LYS A 8 4.98 11.36 -1.22
C LYS A 8 3.75 10.44 -1.37
N ILE A 9 3.63 9.46 -0.45
CA ILE A 9 2.52 8.50 -0.47
C ILE A 9 2.02 8.22 0.96
N ASP A 10 0.71 7.98 1.09
CA ASP A 10 0.12 7.70 2.41
C ASP A 10 0.58 6.34 2.97
N PRO A 11 0.58 6.16 4.30
CA PRO A 11 1.04 4.86 4.95
C PRO A 11 0.08 3.71 4.65
N GLU A 12 -1.17 4.03 4.32
CA GLU A 12 -2.18 3.01 4.05
C GLU A 12 -1.72 2.06 2.94
N LEU A 13 -0.91 2.60 2.00
CA LEU A 13 -0.35 1.77 0.93
C LEU A 13 0.64 0.77 1.48
N LYS A 14 1.35 1.14 2.57
CA LYS A 14 2.38 0.27 3.12
C LYS A 14 1.78 -1.03 3.58
N GLN A 15 0.63 -0.95 4.26
CA GLN A 15 -0.06 -2.14 4.75
C GLN A 15 -0.60 -3.01 3.60
N CYS A 16 -1.21 -2.36 2.60
CA CYS A 16 -1.79 -3.07 1.45
C CYS A 16 -0.68 -3.66 0.57
N LYS A 17 0.32 -2.84 0.30
CA LYS A 17 1.49 -3.22 -0.49
C LYS A 17 2.29 -4.31 0.21
N HIS A 18 2.43 -4.20 1.54
CA HIS A 18 3.22 -5.16 2.31
C HIS A 18 2.67 -6.57 2.13
N GLN A 19 1.35 -6.71 2.29
CA GLN A 19 0.73 -8.03 2.17
C GLN A 19 0.91 -8.62 0.77
N CYS A 20 0.66 -7.81 -0.27
CA CYS A 20 0.79 -8.27 -1.65
C CYS A 20 2.24 -8.50 -2.08
N LYS A 21 3.09 -7.57 -1.69
CA LYS A 21 4.50 -7.62 -2.01
C LYS A 21 5.20 -8.79 -1.32
N VAL A 22 4.85 -9.00 -0.05
CA VAL A 22 5.48 -10.07 0.75
C VAL A 22 5.05 -11.47 0.27
N GLN A 23 3.78 -11.60 -0.14
CA GLN A 23 3.24 -12.90 -0.56
C GLN A 23 3.64 -13.21 -2.00
N ARG A 24 4.01 -14.48 -2.24
CA ARG A 24 4.40 -14.95 -3.57
C ARG A 24 3.20 -15.55 -4.34
N GLN A 25 2.01 -15.56 -3.71
CA GLN A 25 0.81 -16.11 -4.32
C GLN A 25 0.44 -15.36 -5.59
N TYR A 26 0.61 -14.03 -5.57
CA TYR A 26 0.25 -13.19 -6.72
C TYR A 26 1.33 -13.26 -7.80
N ASP A 27 0.88 -13.47 -9.04
CA ASP A 27 1.77 -13.45 -10.21
C ASP A 27 2.26 -12.02 -10.42
N GLU A 28 3.39 -11.85 -11.10
CA GLU A 28 3.96 -10.50 -11.30
C GLU A 28 2.92 -9.49 -11.79
N GLN A 29 2.05 -9.93 -12.69
CA GLN A 29 0.97 -9.07 -13.21
C GLN A 29 -0.08 -8.81 -12.13
N GLN A 30 -0.28 -9.81 -11.27
CA GLN A 30 -1.22 -9.71 -10.14
C GLN A 30 -0.69 -8.75 -9.08
N LYS A 31 0.63 -8.79 -8.88
CA LYS A 31 1.30 -7.95 -7.90
C LYS A 31 1.04 -6.48 -8.27
N GLU A 32 1.13 -6.20 -9.57
CA GLU A 32 0.81 -4.90 -10.12
C GLU A 32 -0.66 -4.57 -9.87
N GLN A 33 -1.52 -5.59 -10.03
CA GLN A 33 -2.96 -5.43 -9.83
C GLN A 33 -3.28 -5.05 -8.39
N CYS A 34 -2.57 -5.66 -7.42
CA CYS A 34 -2.82 -5.36 -6.01
C CYS A 34 -2.57 -3.89 -5.75
N VAL A 35 -1.44 -3.38 -6.24
CA VAL A 35 -1.12 -1.96 -6.08
C VAL A 35 -2.23 -1.13 -6.71
N LYS A 36 -2.75 -1.56 -7.87
CA LYS A 36 -3.81 -0.82 -8.54
C LYS A 36 -5.02 -0.67 -7.60
N GLU A 37 -5.40 -1.78 -6.94
CA GLU A 37 -6.54 -1.78 -6.01
C GLU A 37 -6.22 -1.02 -4.70
N CYS A 38 -5.01 -1.25 -4.19
CA CYS A 38 -4.55 -0.62 -2.94
C CYS A 38 -4.46 0.90 -3.14
N GLU A 39 -3.86 1.26 -4.26
CA GLU A 39 -3.68 2.61 -4.67
C GLU A 39 -5.04 3.24 -4.95
N LYS A 40 -5.99 2.42 -5.47
CA LYS A 40 -7.33 2.89 -5.77
C LYS A 40 -8.00 3.41 -4.50
N TYR A 41 -7.78 2.72 -3.35
CA TYR A 41 -8.36 3.19 -2.08
C TYR A 41 -7.81 4.59 -1.78
N TYR A 42 -6.50 4.75 -1.99
CA TYR A 42 -5.85 6.05 -1.82
C TYR A 42 -6.43 7.08 -2.82
N LYS A 43 -6.53 6.66 -4.08
CA LYS A 43 -6.99 7.53 -5.16
C LYS A 43 -8.42 8.02 -4.93
N GLU A 44 -9.29 7.10 -4.55
CA GLU A 44 -10.69 7.42 -4.28
C GLU A 44 -10.81 8.28 -3.02
N LYS A 45 -10.04 7.93 -1.99
CA LYS A 45 -10.09 8.63 -0.71
C LYS A 45 -9.69 10.09 -0.85
N LYS A 46 -8.62 10.33 -1.63
CA LYS A 46 -8.13 11.70 -1.85
C LYS A 46 -7.88 12.41 -0.49
N GLY A 47 -7.28 11.67 0.44
CA GLY A 47 -6.97 12.21 1.77
C GLY A 47 -5.81 11.45 2.41
N ARG A 48 -5.28 12.01 3.51
CA ARG A 48 -4.15 11.40 4.22
C ARG A 48 -4.56 10.99 5.63
N GLU A 49 -4.33 9.71 5.96
CA GLU A 49 -4.65 9.18 7.28
C GLU A 49 -3.51 8.28 7.79
N ARG A 50 -3.28 8.30 9.10
CA ARG A 50 -2.22 7.49 9.71
C ARG A 50 -2.77 6.56 10.79
N GLU A 51 -2.63 5.25 10.58
CA GLU A 51 -3.09 4.25 11.54
C GLU A 51 -1.97 3.27 11.91
N HIS A 52 -1.16 2.90 10.92
CA HIS A 52 -0.04 1.98 11.12
C HIS A 52 -0.53 0.68 11.80
N GLU A 53 -1.41 -0.05 11.11
CA GLU A 53 -1.97 -1.30 11.63
C GLU A 53 -0.88 -2.36 11.76
N HIS A 54 -1.01 -3.21 12.78
CA HIS A 54 -0.03 -4.27 13.04
C HIS A 54 -0.50 -5.61 12.46
N ARG A 55 0.27 -6.12 11.48
CA ARG A 55 -0.06 -7.40 10.84
C ARG A 55 1.12 -8.37 10.97
N ASP A 56 0.81 -9.66 11.09
CA ASP A 56 1.83 -10.70 11.23
C ASP A 56 1.29 -12.06 10.76
N GLY A 1 -0.96 -16.90 9.82
CA GLY A 1 -1.06 -15.45 9.46
C GLY A 1 0.00 -14.66 10.20
N LEU A 2 0.91 -14.03 9.44
CA LEU A 2 1.99 -13.21 10.01
C LEU A 2 1.73 -11.73 9.73
N GLY A 3 1.64 -10.93 10.80
CA GLY A 3 1.40 -9.50 10.68
C GLY A 3 0.37 -9.03 11.71
N PHE A 4 -0.32 -7.93 11.38
CA PHE A 4 -1.35 -7.35 12.26
C PHE A 4 -0.75 -6.82 13.57
N ALA A 5 -1.61 -6.31 14.47
CA ALA A 5 -1.17 -5.75 15.76
C ALA A 5 -0.26 -4.53 15.56
N LEU A 6 -0.35 -3.89 14.38
CA LEU A 6 0.45 -2.69 14.09
C LEU A 6 -0.04 -2.04 12.80
N ALA A 7 -0.51 -0.79 12.91
CA ALA A 7 -1.00 -0.05 11.75
C ALA A 7 -0.68 1.44 11.85
N LYS A 8 -0.43 2.07 10.70
CA LYS A 8 -0.12 3.51 10.65
C LYS A 8 -0.95 4.23 9.57
N ILE A 9 -1.40 3.49 8.55
CA ILE A 9 -2.20 4.06 7.46
C ILE A 9 -3.64 3.51 7.50
N ASP A 10 -4.42 3.80 6.45
CA ASP A 10 -5.79 3.31 6.37
C ASP A 10 -5.83 1.76 6.37
N PRO A 11 -6.88 1.15 6.93
CA PRO A 11 -6.97 -0.36 7.05
C PRO A 11 -7.08 -1.04 5.68
N GLU A 12 -7.68 -0.34 4.71
CA GLU A 12 -7.90 -0.89 3.37
C GLU A 12 -6.57 -1.22 2.69
N LEU A 13 -5.54 -0.40 2.95
CA LEU A 13 -4.20 -0.65 2.39
C LEU A 13 -3.38 -1.55 3.33
N LYS A 14 -3.75 -1.57 4.62
CA LYS A 14 -3.03 -2.37 5.58
C LYS A 14 -3.09 -3.84 5.18
N GLN A 15 -4.30 -4.30 4.91
CA GLN A 15 -4.52 -5.68 4.49
C GLN A 15 -4.17 -5.86 3.00
N CYS A 16 -4.67 -4.95 2.16
CA CYS A 16 -4.47 -5.05 0.72
C CYS A 16 -2.99 -4.98 0.30
N LYS A 17 -2.28 -3.96 0.80
CA LYS A 17 -0.88 -3.73 0.41
C LYS A 17 0.09 -4.70 1.08
N HIS A 18 0.00 -4.83 2.43
CA HIS A 18 0.96 -5.69 3.13
C HIS A 18 0.88 -7.13 2.65
N GLN A 19 -0.35 -7.64 2.47
CA GLN A 19 -0.53 -9.02 2.02
C GLN A 19 -0.13 -9.22 0.55
N CYS A 20 -0.52 -8.27 -0.32
CA CYS A 20 -0.22 -8.37 -1.76
C CYS A 20 1.26 -8.32 -2.05
N LYS A 21 1.93 -7.34 -1.45
CA LYS A 21 3.35 -7.11 -1.67
C LYS A 21 4.20 -8.20 -0.99
N VAL A 22 3.84 -8.54 0.25
CA VAL A 22 4.63 -9.51 1.04
C VAL A 22 4.42 -10.97 0.57
N GLN A 23 3.19 -11.30 0.16
CA GLN A 23 2.86 -12.69 -0.21
C GLN A 23 3.68 -13.16 -1.41
N ARG A 24 4.37 -14.30 -1.22
CA ARG A 24 5.18 -14.93 -2.27
C ARG A 24 4.31 -15.52 -3.37
N GLN A 25 3.11 -15.97 -2.98
CA GLN A 25 2.16 -16.60 -3.92
C GLN A 25 1.79 -15.67 -5.06
N TYR A 26 1.67 -14.36 -4.78
CA TYR A 26 1.33 -13.40 -5.83
C TYR A 26 2.49 -13.19 -6.78
N ASP A 27 2.18 -13.21 -8.07
CA ASP A 27 3.17 -12.96 -9.12
C ASP A 27 3.60 -11.51 -9.08
N GLU A 28 4.72 -11.19 -9.70
CA GLU A 28 5.21 -9.81 -9.75
C GLU A 28 4.19 -8.92 -10.43
N GLN A 29 3.59 -9.42 -11.51
CA GLN A 29 2.57 -8.70 -12.24
C GLN A 29 1.28 -8.59 -11.42
N GLN A 30 0.92 -9.68 -10.73
CA GLN A 30 -0.30 -9.70 -9.92
C GLN A 30 -0.23 -8.76 -8.73
N LYS A 31 0.94 -8.71 -8.06
CA LYS A 31 1.12 -7.85 -6.88
C LYS A 31 1.05 -6.37 -7.26
N GLU A 32 1.60 -6.03 -8.44
CA GLU A 32 1.54 -4.65 -8.93
C GLU A 32 0.10 -4.23 -9.18
N GLN A 33 -0.69 -5.17 -9.73
CA GLN A 33 -2.11 -4.91 -10.01
C GLN A 33 -2.88 -4.64 -8.70
N CYS A 34 -2.56 -5.42 -7.67
CA CYS A 34 -3.19 -5.26 -6.35
C CYS A 34 -2.91 -3.88 -5.78
N VAL A 35 -1.62 -3.50 -5.82
CA VAL A 35 -1.17 -2.21 -5.34
C VAL A 35 -1.79 -1.09 -6.16
N LYS A 36 -1.90 -1.29 -7.47
CA LYS A 36 -2.42 -0.25 -8.36
C LYS A 36 -3.82 0.18 -7.93
N GLU A 37 -4.70 -0.79 -7.64
CA GLU A 37 -6.08 -0.46 -7.21
C GLU A 37 -6.13 0.11 -5.79
N CYS A 38 -5.46 -0.56 -4.86
CA CYS A 38 -5.46 -0.17 -3.45
C CYS A 38 -4.77 1.16 -3.23
N GLU A 39 -3.65 1.35 -3.92
CA GLU A 39 -2.93 2.61 -3.87
C GLU A 39 -3.83 3.69 -4.41
N LYS A 40 -4.61 3.35 -5.47
CA LYS A 40 -5.56 4.27 -6.06
C LYS A 40 -6.54 4.79 -5.00
N TYR A 41 -6.94 3.92 -4.05
CA TYR A 41 -7.86 4.36 -2.99
C TYR A 41 -7.20 5.49 -2.20
N TYR A 42 -5.92 5.30 -1.88
CA TYR A 42 -5.12 6.31 -1.17
C TYR A 42 -4.93 7.56 -2.05
N LYS A 43 -4.65 7.32 -3.33
CA LYS A 43 -4.41 8.41 -4.29
C LYS A 43 -5.64 9.27 -4.46
N GLU A 44 -6.80 8.62 -4.49
CA GLU A 44 -8.07 9.31 -4.62
C GLU A 44 -8.24 10.28 -3.44
N LYS A 45 -7.89 9.80 -2.23
CA LYS A 45 -7.94 10.64 -1.03
C LYS A 45 -6.90 11.76 -1.08
N LYS A 46 -5.84 11.56 -1.89
CA LYS A 46 -4.75 12.54 -2.06
C LYS A 46 -4.32 13.15 -0.72
N GLY A 47 -3.87 12.28 0.19
CA GLY A 47 -3.37 12.69 1.50
C GLY A 47 -1.89 12.36 1.65
N ARG A 48 -1.12 13.29 2.21
CA ARG A 48 0.31 13.09 2.42
C ARG A 48 0.71 13.36 3.86
N GLU A 49 1.12 12.30 4.56
CA GLU A 49 1.54 12.42 5.97
C GLU A 49 2.09 11.07 6.47
N ARG A 50 3.34 11.05 6.92
CA ARG A 50 3.98 9.83 7.41
C ARG A 50 3.87 8.70 6.37
N GLU A 51 4.12 9.04 5.09
CA GLU A 51 4.05 8.06 4.01
C GLU A 51 5.29 7.16 4.04
N HIS A 52 5.19 6.05 4.77
CA HIS A 52 6.28 5.09 4.88
C HIS A 52 5.75 3.73 5.36
N GLU A 53 6.34 2.65 4.84
CA GLU A 53 5.92 1.29 5.20
C GLU A 53 7.05 0.54 5.89
N HIS A 54 6.82 0.17 7.16
CA HIS A 54 7.83 -0.56 7.95
C HIS A 54 7.96 -2.03 7.50
N ARG A 55 6.94 -2.54 6.80
CA ARG A 55 6.95 -3.93 6.34
C ARG A 55 7.44 -4.02 4.90
N ASP A 56 8.46 -4.86 4.68
CA ASP A 56 9.03 -5.05 3.34
C ASP A 56 10.02 -6.21 3.34
N GLY A 1 3.35 23.15 12.63
CA GLY A 1 3.18 21.72 13.02
C GLY A 1 4.50 20.97 12.81
N LEU A 2 5.19 21.28 11.71
CA LEU A 2 6.45 20.63 11.38
C LEU A 2 6.30 19.09 11.39
N GLY A 3 6.60 18.45 12.53
CA GLY A 3 6.46 16.99 12.66
C GLY A 3 7.64 16.26 12.03
N PHE A 4 7.69 14.94 12.24
CA PHE A 4 8.76 14.10 11.69
C PHE A 4 8.19 13.03 10.73
N ALA A 5 7.00 13.29 10.17
CA ALA A 5 6.34 12.36 9.25
C ALA A 5 6.05 11.03 9.94
N LEU A 6 5.28 10.17 9.25
CA LEU A 6 4.92 8.87 9.81
C LEU A 6 4.69 7.82 8.71
N ALA A 7 5.17 6.60 8.96
CA ALA A 7 5.02 5.49 8.01
C ALA A 7 3.62 4.87 8.09
N LYS A 8 2.99 4.95 9.27
CA LYS A 8 1.67 4.37 9.50
C LYS A 8 0.60 5.08 8.67
N ILE A 9 -0.27 4.28 8.01
CA ILE A 9 -1.35 4.83 7.20
C ILE A 9 -2.70 4.15 7.56
N ASP A 10 -3.74 4.40 6.74
CA ASP A 10 -5.07 3.86 7.00
C ASP A 10 -5.05 2.31 7.00
N PRO A 11 -5.96 1.65 7.77
CA PRO A 11 -5.97 0.14 7.91
C PRO A 11 -6.34 -0.59 6.63
N GLU A 12 -7.17 0.04 5.77
CA GLU A 12 -7.60 -0.61 4.52
C GLU A 12 -6.39 -0.99 3.67
N LEU A 13 -5.32 -0.19 3.75
CA LEU A 13 -4.07 -0.50 3.05
C LEU A 13 -3.20 -1.43 3.88
N LYS A 14 -3.44 -1.48 5.20
CA LYS A 14 -2.65 -2.33 6.07
C LYS A 14 -2.83 -3.79 5.66
N GLN A 15 -4.09 -4.21 5.52
CA GLN A 15 -4.40 -5.57 5.10
C GLN A 15 -4.12 -5.79 3.60
N CYS A 16 -4.53 -4.80 2.79
CA CYS A 16 -4.36 -4.86 1.32
C CYS A 16 -2.88 -4.89 0.89
N LYS A 17 -2.11 -3.95 1.41
CA LYS A 17 -0.69 -3.82 1.07
C LYS A 17 0.15 -4.96 1.66
N HIS A 18 -0.15 -5.35 2.89
CA HIS A 18 0.63 -6.38 3.57
C HIS A 18 0.57 -7.68 2.79
N GLN A 19 -0.63 -8.10 2.40
CA GLN A 19 -0.80 -9.36 1.67
C GLN A 19 -0.12 -9.32 0.29
N CYS A 20 -0.33 -8.21 -0.46
CA CYS A 20 0.25 -8.08 -1.79
C CYS A 20 1.76 -7.94 -1.74
N LYS A 21 2.23 -7.16 -0.78
CA LYS A 21 3.67 -6.95 -0.57
C LYS A 21 4.34 -8.26 -0.19
N VAL A 22 3.67 -9.04 0.67
CA VAL A 22 4.18 -10.36 1.08
C VAL A 22 4.29 -11.28 -0.16
N GLN A 23 3.36 -11.13 -1.10
CA GLN A 23 3.31 -11.91 -2.34
C GLN A 23 3.04 -13.39 -2.11
N ARG A 24 2.09 -13.68 -1.20
CA ARG A 24 1.69 -15.06 -0.94
C ARG A 24 1.16 -15.69 -2.24
N GLN A 25 2.03 -16.41 -2.93
CA GLN A 25 1.68 -17.05 -4.20
C GLN A 25 1.07 -16.02 -5.18
N TYR A 26 1.65 -14.81 -5.21
CA TYR A 26 1.18 -13.75 -6.12
C TYR A 26 2.13 -13.58 -7.31
N ASP A 27 1.55 -13.45 -8.50
CA ASP A 27 2.30 -13.27 -9.73
C ASP A 27 2.93 -11.89 -9.78
N GLU A 28 4.02 -11.75 -10.55
CA GLU A 28 4.69 -10.46 -10.69
C GLU A 28 3.75 -9.43 -11.30
N GLN A 29 2.99 -9.86 -12.29
CA GLN A 29 2.01 -8.99 -12.96
C GLN A 29 0.89 -8.62 -12.00
N GLN A 30 0.45 -9.59 -11.19
CA GLN A 30 -0.59 -9.38 -10.18
C GLN A 30 -0.11 -8.40 -9.11
N LYS A 31 1.16 -8.51 -8.74
CA LYS A 31 1.75 -7.64 -7.72
C LYS A 31 1.67 -6.18 -8.13
N GLU A 32 1.98 -5.91 -9.40
CA GLU A 32 1.91 -4.56 -9.93
C GLU A 32 0.48 -4.05 -9.92
N GLN A 33 -0.46 -4.94 -10.28
CA GLN A 33 -1.88 -4.60 -10.33
C GLN A 33 -2.44 -4.29 -8.94
N CYS A 34 -2.03 -5.09 -7.93
CA CYS A 34 -2.55 -4.91 -6.57
C CYS A 34 -2.17 -3.56 -6.00
N VAL A 35 -0.87 -3.23 -6.06
CA VAL A 35 -0.38 -1.96 -5.54
C VAL A 35 -1.04 -0.82 -6.30
N LYS A 36 -1.16 -0.95 -7.62
CA LYS A 36 -1.75 0.10 -8.44
C LYS A 36 -3.20 0.39 -7.98
N GLU A 37 -4.01 -0.67 -7.83
CA GLU A 37 -5.42 -0.51 -7.40
C GLU A 37 -5.53 -0.12 -5.92
N CYS A 38 -4.70 -0.75 -5.09
CA CYS A 38 -4.71 -0.54 -3.65
C CYS A 38 -4.26 0.86 -3.30
N GLU A 39 -3.13 1.23 -3.89
CA GLU A 39 -2.57 2.53 -3.68
C GLU A 39 -3.55 3.57 -4.21
N LYS A 40 -4.25 3.23 -5.31
CA LYS A 40 -5.25 4.11 -5.92
C LYS A 40 -6.34 4.46 -4.92
N TYR A 41 -6.77 3.48 -4.10
CA TYR A 41 -7.80 3.77 -3.09
C TYR A 41 -7.30 4.89 -2.17
N TYR A 42 -6.03 4.79 -1.78
CA TYR A 42 -5.40 5.82 -0.93
C TYR A 42 -5.17 7.14 -1.71
N LYS A 43 -4.71 7.02 -2.96
CA LYS A 43 -4.38 8.18 -3.79
C LYS A 43 -5.60 9.04 -4.03
N GLU A 44 -6.70 8.38 -4.34
CA GLU A 44 -7.97 9.05 -4.58
C GLU A 44 -8.45 9.75 -3.30
N LYS A 45 -8.33 9.05 -2.16
CA LYS A 45 -8.77 9.59 -0.87
C LYS A 45 -7.94 10.82 -0.47
N LYS A 46 -6.63 10.76 -0.76
CA LYS A 46 -5.71 11.86 -0.42
C LYS A 46 -5.72 12.14 1.09
N GLY A 47 -5.72 11.05 1.88
CA GLY A 47 -5.73 11.16 3.34
C GLY A 47 -4.49 11.88 3.85
N ARG A 48 -3.33 11.57 3.24
CA ARG A 48 -2.06 12.19 3.62
C ARG A 48 -1.16 12.38 2.41
N GLU A 49 -0.58 13.59 2.28
CA GLU A 49 0.33 13.90 1.17
C GLU A 49 1.57 13.02 1.23
N ARG A 50 2.07 12.78 2.45
CA ARG A 50 3.26 11.95 2.65
C ARG A 50 2.96 10.48 2.39
N GLU A 51 3.98 9.75 1.95
CA GLU A 51 3.87 8.33 1.66
C GLU A 51 4.95 7.54 2.41
N HIS A 52 4.94 6.21 2.27
CA HIS A 52 5.92 5.35 2.94
C HIS A 52 6.55 4.38 1.95
N GLU A 53 7.81 4.00 2.21
CA GLU A 53 8.54 3.08 1.33
C GLU A 53 7.88 1.71 1.30
N HIS A 54 7.47 1.22 2.48
CA HIS A 54 6.81 -0.10 2.60
C HIS A 54 6.43 -0.42 4.04
N ARG A 55 5.79 -1.57 4.23
CA ARG A 55 5.40 -2.04 5.57
C ARG A 55 5.99 -3.42 5.86
N ASP A 56 6.30 -3.67 7.14
CA ASP A 56 6.89 -4.95 7.56
C ASP A 56 8.09 -5.32 6.69
N GLY A 1 14.27 13.89 -7.09
CA GLY A 1 14.04 14.98 -8.09
C GLY A 1 15.37 15.67 -8.40
N LEU A 2 15.61 16.79 -7.72
CA LEU A 2 16.84 17.57 -7.91
C LEU A 2 18.06 16.73 -7.53
N GLY A 3 17.94 15.97 -6.43
CA GLY A 3 19.04 15.12 -5.96
C GLY A 3 18.64 14.33 -4.71
N PHE A 4 19.05 14.83 -3.55
CA PHE A 4 18.78 14.18 -2.27
C PHE A 4 17.30 14.29 -1.88
N ALA A 5 16.83 13.32 -1.07
CA ALA A 5 15.42 13.28 -0.61
C ALA A 5 14.49 12.83 -1.73
N LEU A 6 14.25 11.51 -1.80
CA LEU A 6 13.38 10.94 -2.82
C LEU A 6 11.98 10.69 -2.24
N ALA A 7 10.96 11.29 -2.89
CA ALA A 7 9.58 11.17 -2.42
C ALA A 7 9.11 9.72 -2.44
N LYS A 8 8.30 9.35 -1.44
CA LYS A 8 7.77 7.99 -1.32
C LYS A 8 6.30 8.02 -0.87
N ILE A 9 5.46 7.23 -1.54
CA ILE A 9 4.04 7.15 -1.20
C ILE A 9 3.85 6.78 0.29
N ASP A 10 2.65 7.02 0.80
CA ASP A 10 2.32 6.72 2.19
C ASP A 10 2.39 5.20 2.46
N PRO A 11 2.56 4.77 3.73
CA PRO A 11 2.65 3.31 4.11
C PRO A 11 1.36 2.54 3.81
N GLU A 12 0.27 3.29 3.50
CA GLU A 12 -1.01 2.65 3.16
C GLU A 12 -0.80 1.58 2.09
N LEU A 13 0.01 1.92 1.10
CA LEU A 13 0.39 0.96 0.07
C LEU A 13 1.30 -0.11 0.62
N LYS A 14 2.16 0.29 1.58
CA LYS A 14 3.12 -0.63 2.16
C LYS A 14 2.40 -1.79 2.85
N GLN A 15 1.34 -1.45 3.59
CA GLN A 15 0.56 -2.45 4.32
C GLN A 15 -0.10 -3.46 3.38
N CYS A 16 -0.81 -2.97 2.34
CA CYS A 16 -1.45 -3.87 1.37
C CYS A 16 -0.41 -4.58 0.52
N LYS A 17 0.70 -3.88 0.22
CA LYS A 17 1.80 -4.45 -0.52
C LYS A 17 2.38 -5.63 0.23
N HIS A 18 2.43 -5.50 1.57
CA HIS A 18 2.96 -6.55 2.40
C HIS A 18 2.14 -7.82 2.21
N GLN A 19 0.80 -7.70 2.25
CA GLN A 19 -0.06 -8.85 2.05
C GLN A 19 0.06 -9.43 0.64
N CYS A 20 0.14 -8.55 -0.39
CA CYS A 20 0.21 -9.01 -1.78
C CYS A 20 1.54 -9.67 -2.10
N LYS A 21 2.64 -9.11 -1.58
CA LYS A 21 3.97 -9.68 -1.79
C LYS A 21 4.17 -10.96 -0.93
N VAL A 22 3.39 -11.07 0.15
CA VAL A 22 3.45 -12.24 1.06
C VAL A 22 2.31 -13.26 0.75
N GLN A 23 1.38 -12.87 -0.15
CA GLN A 23 0.25 -13.72 -0.53
C GLN A 23 0.74 -15.04 -1.12
N ARG A 24 1.85 -14.99 -1.88
CA ARG A 24 2.42 -16.17 -2.55
C ARG A 24 1.59 -16.53 -3.77
N GLN A 25 2.23 -17.19 -4.75
CA GLN A 25 1.56 -17.55 -5.98
C GLN A 25 0.96 -16.30 -6.66
N TYR A 26 1.74 -15.21 -6.63
CA TYR A 26 1.32 -13.94 -7.25
C TYR A 26 2.32 -13.53 -8.34
N ASP A 27 1.78 -13.10 -9.49
CA ASP A 27 2.59 -12.68 -10.64
C ASP A 27 2.89 -11.19 -10.58
N GLU A 28 3.70 -10.71 -11.53
CA GLU A 28 4.01 -9.28 -11.64
C GLU A 28 2.73 -8.50 -11.91
N GLN A 29 1.89 -9.08 -12.77
CA GLN A 29 0.60 -8.49 -13.12
C GLN A 29 -0.34 -8.52 -11.92
N GLN A 30 -0.31 -9.63 -11.16
CA GLN A 30 -1.18 -9.78 -9.99
C GLN A 30 -0.87 -8.73 -8.93
N LYS A 31 0.44 -8.50 -8.69
CA LYS A 31 0.86 -7.47 -7.75
C LYS A 31 0.57 -6.08 -8.30
N GLU A 32 0.64 -5.95 -9.63
CA GLU A 32 0.30 -4.70 -10.30
C GLU A 32 -1.18 -4.40 -10.03
N GLN A 33 -2.02 -5.45 -10.13
CA GLN A 33 -3.44 -5.34 -9.86
C GLN A 33 -3.66 -4.98 -8.39
N CYS A 34 -2.87 -5.60 -7.49
CA CYS A 34 -2.95 -5.31 -6.06
C CYS A 34 -2.67 -3.84 -5.80
N VAL A 35 -1.60 -3.33 -6.40
CA VAL A 35 -1.23 -1.93 -6.27
C VAL A 35 -2.39 -1.07 -6.81
N LYS A 36 -2.95 -1.46 -7.96
CA LYS A 36 -4.04 -0.66 -8.56
C LYS A 36 -5.26 -0.58 -7.63
N GLU A 37 -5.62 -1.71 -7.00
CA GLU A 37 -6.76 -1.74 -6.07
C GLU A 37 -6.44 -0.96 -4.78
N CYS A 38 -5.27 -1.26 -4.24
CA CYS A 38 -4.80 -0.65 -2.99
C CYS A 38 -4.64 0.84 -3.14
N GLU A 39 -3.95 1.21 -4.21
CA GLU A 39 -3.67 2.57 -4.50
C GLU A 39 -4.96 3.34 -4.68
N LYS A 40 -5.97 2.67 -5.27
CA LYS A 40 -7.28 3.28 -5.47
C LYS A 40 -7.90 3.70 -4.14
N TYR A 41 -7.77 2.85 -3.09
CA TYR A 41 -8.33 3.23 -1.78
C TYR A 41 -7.69 4.52 -1.30
N TYR A 42 -6.37 4.62 -1.48
CA TYR A 42 -5.62 5.82 -1.15
C TYR A 42 -6.10 7.01 -2.01
N LYS A 43 -6.21 6.75 -3.32
CA LYS A 43 -6.58 7.78 -4.30
C LYS A 43 -7.94 8.36 -3.99
N GLU A 44 -8.89 7.50 -3.70
CA GLU A 44 -10.25 7.91 -3.36
C GLU A 44 -10.26 8.72 -2.05
N LYS A 45 -9.47 8.25 -1.08
CA LYS A 45 -9.42 8.88 0.25
C LYS A 45 -8.97 10.34 0.16
N LYS A 46 -7.92 10.59 -0.65
CA LYS A 46 -7.38 11.95 -0.81
C LYS A 46 -6.92 12.51 0.56
N GLY A 47 -6.31 11.64 1.38
CA GLY A 47 -5.82 12.03 2.70
C GLY A 47 -4.72 11.09 3.18
N ARG A 48 -4.04 11.49 4.27
CA ARG A 48 -2.95 10.69 4.83
C ARG A 48 -3.35 10.09 6.19
N GLU A 49 -3.21 8.77 6.31
CA GLU A 49 -3.54 8.04 7.54
C GLU A 49 -2.35 7.99 8.49
N ARG A 50 -2.63 7.80 9.79
CA ARG A 50 -1.58 7.73 10.81
C ARG A 50 -0.70 6.49 10.59
N GLU A 51 0.61 6.66 10.81
CA GLU A 51 1.57 5.58 10.63
C GLU A 51 1.58 4.64 11.84
N HIS A 52 1.61 3.33 11.56
CA HIS A 52 1.63 2.31 12.61
C HIS A 52 2.77 1.31 12.39
N GLU A 53 3.35 0.84 13.49
CA GLU A 53 4.48 -0.10 13.43
C GLU A 53 4.05 -1.42 12.78
N HIS A 54 2.83 -1.87 13.11
CA HIS A 54 2.30 -3.13 12.58
C HIS A 54 0.90 -2.93 12.01
N ARG A 55 0.51 -3.81 11.08
CA ARG A 55 -0.82 -3.73 10.46
C ARG A 55 -1.91 -3.85 11.52
N ASP A 56 -2.89 -2.94 11.46
CA ASP A 56 -4.01 -2.93 12.41
C ASP A 56 -3.49 -2.87 13.85
N GLY A 1 0.85 11.29 24.12
CA GLY A 1 0.95 12.45 23.18
C GLY A 1 -0.36 12.61 22.42
N LEU A 2 -0.44 13.66 21.60
CA LEU A 2 -1.64 13.94 20.81
C LEU A 2 -1.35 13.84 19.31
N GLY A 3 -2.32 13.31 18.57
CA GLY A 3 -2.19 13.15 17.12
C GLY A 3 -1.61 11.77 16.73
N PHE A 4 -1.14 11.00 17.73
CA PHE A 4 -0.58 9.67 17.49
C PHE A 4 0.47 9.71 16.35
N ALA A 5 0.98 8.53 15.96
CA ALA A 5 1.98 8.43 14.90
C ALA A 5 1.45 8.96 13.58
N LEU A 6 2.33 9.63 12.83
CA LEU A 6 1.96 10.20 11.54
C LEU A 6 2.29 9.24 10.38
N ALA A 7 3.30 8.38 10.59
CA ALA A 7 3.69 7.40 9.57
C ALA A 7 2.64 6.28 9.39
N LYS A 8 1.70 6.19 10.34
CA LYS A 8 0.65 5.15 10.30
C LYS A 8 0.03 4.99 8.90
N ILE A 9 -0.72 3.92 8.72
CA ILE A 9 -1.37 3.60 7.44
C ILE A 9 -2.86 3.35 7.63
N ASP A 10 -3.64 3.67 6.59
CA ASP A 10 -5.07 3.45 6.60
C ASP A 10 -5.37 1.92 6.73
N PRO A 11 -6.46 1.52 7.40
CA PRO A 11 -6.78 0.06 7.60
C PRO A 11 -7.10 -0.66 6.30
N GLU A 12 -7.67 0.08 5.34
CA GLU A 12 -8.04 -0.50 4.04
C GLU A 12 -6.80 -0.95 3.26
N LEU A 13 -5.73 -0.16 3.34
CA LEU A 13 -4.47 -0.53 2.67
C LEU A 13 -3.64 -1.46 3.55
N LYS A 14 -3.88 -1.40 4.87
CA LYS A 14 -3.13 -2.23 5.80
C LYS A 14 -3.36 -3.70 5.49
N GLN A 15 -4.64 -4.06 5.37
CA GLN A 15 -5.02 -5.43 5.03
C GLN A 15 -4.71 -5.76 3.57
N CYS A 16 -4.98 -4.81 2.67
CA CYS A 16 -4.76 -5.00 1.24
C CYS A 16 -3.27 -5.15 0.90
N LYS A 17 -2.50 -4.11 1.22
CA LYS A 17 -1.08 -4.04 0.91
C LYS A 17 -0.28 -5.15 1.61
N HIS A 18 -0.56 -5.35 2.90
CA HIS A 18 0.17 -6.34 3.68
C HIS A 18 0.00 -7.71 3.06
N GLN A 19 -1.26 -8.04 2.77
CA GLN A 19 -1.59 -9.34 2.22
C GLN A 19 -1.01 -9.54 0.81
N CYS A 20 -1.07 -8.51 -0.04
CA CYS A 20 -0.54 -8.60 -1.41
C CYS A 20 0.97 -8.73 -1.43
N LYS A 21 1.62 -7.91 -0.61
CA LYS A 21 3.07 -7.92 -0.51
C LYS A 21 3.59 -9.20 0.19
N VAL A 22 2.89 -9.63 1.24
CA VAL A 22 3.30 -10.82 2.02
C VAL A 22 3.04 -12.14 1.25
N GLN A 23 2.09 -12.11 0.32
CA GLN A 23 1.70 -13.32 -0.42
C GLN A 23 2.91 -14.01 -1.02
N ARG A 24 3.00 -15.33 -0.80
CA ARG A 24 4.14 -16.14 -1.25
C ARG A 24 4.15 -16.31 -2.77
N GLN A 25 5.32 -16.06 -3.37
CA GLN A 25 5.52 -16.22 -4.81
C GLN A 25 4.41 -15.55 -5.63
N TYR A 26 4.09 -14.29 -5.28
CA TYR A 26 3.09 -13.53 -6.02
C TYR A 26 3.67 -13.05 -7.34
N ASP A 27 2.93 -13.27 -8.44
CA ASP A 27 3.39 -12.88 -9.77
C ASP A 27 3.67 -11.39 -9.80
N GLU A 28 4.71 -10.99 -10.55
CA GLU A 28 5.11 -9.59 -10.62
C GLU A 28 3.99 -8.72 -11.19
N GLN A 29 3.34 -9.22 -12.23
CA GLN A 29 2.26 -8.49 -12.88
C GLN A 29 1.03 -8.38 -11.98
N GLN A 30 0.72 -9.50 -11.30
CA GLN A 30 -0.45 -9.54 -10.41
C GLN A 30 -0.26 -8.69 -9.16
N LYS A 31 0.96 -8.73 -8.58
CA LYS A 31 1.25 -7.95 -7.36
C LYS A 31 1.18 -6.45 -7.66
N GLU A 32 1.60 -6.07 -8.87
CA GLU A 32 1.51 -4.68 -9.32
C GLU A 32 0.05 -4.26 -9.40
N GLN A 33 -0.81 -5.19 -9.86
CA GLN A 33 -2.24 -4.93 -10.00
C GLN A 33 -2.86 -4.61 -8.62
N CYS A 34 -2.49 -5.39 -7.59
CA CYS A 34 -3.01 -5.16 -6.24
C CYS A 34 -2.60 -3.77 -5.76
N VAL A 35 -1.30 -3.48 -5.88
CA VAL A 35 -0.75 -2.19 -5.49
C VAL A 35 -1.44 -1.08 -6.27
N LYS A 36 -1.72 -1.32 -7.56
CA LYS A 36 -2.36 -0.30 -8.39
C LYS A 36 -3.72 0.10 -7.77
N GLU A 37 -4.53 -0.91 -7.40
CA GLU A 37 -5.84 -0.65 -6.77
C GLU A 37 -5.71 -0.10 -5.34
N CYS A 38 -4.76 -0.67 -4.61
CA CYS A 38 -4.51 -0.28 -3.22
C CYS A 38 -4.03 1.16 -3.15
N GLU A 39 -3.06 1.45 -4.01
CA GLU A 39 -2.47 2.73 -4.11
C GLU A 39 -3.53 3.75 -4.54
N LYS A 40 -4.50 3.32 -5.37
CA LYS A 40 -5.57 4.21 -5.84
C LYS A 40 -6.37 4.74 -4.66
N TYR A 41 -6.65 3.87 -3.66
CA TYR A 41 -7.39 4.33 -2.46
C TYR A 41 -6.57 5.43 -1.76
N TYR A 42 -5.27 5.19 -1.65
CA TYR A 42 -4.33 6.16 -1.07
C TYR A 42 -4.30 7.47 -1.91
N LYS A 43 -4.20 7.31 -3.23
CA LYS A 43 -4.12 8.43 -4.16
C LYS A 43 -5.37 9.28 -4.08
N GLU A 44 -6.51 8.60 -3.96
CA GLU A 44 -7.80 9.25 -3.85
C GLU A 44 -7.88 10.08 -2.55
N LYS A 45 -7.31 9.54 -1.48
CA LYS A 45 -7.36 10.19 -0.16
C LYS A 45 -6.71 11.58 -0.23
N LYS A 46 -5.54 11.66 -0.88
CA LYS A 46 -4.83 12.94 -1.03
C LYS A 46 -4.57 13.57 0.37
N GLY A 47 -4.43 14.92 0.44
CA GLY A 47 -4.20 15.63 1.70
C GLY A 47 -2.90 15.19 2.38
N ARG A 48 -3.00 14.84 3.67
CA ARG A 48 -1.84 14.44 4.46
C ARG A 48 -1.21 13.17 3.91
N GLU A 49 0.09 12.99 4.17
CA GLU A 49 0.84 11.82 3.70
C GLU A 49 0.86 11.78 2.17
N ARG A 50 1.49 12.79 1.56
CA ARG A 50 1.61 12.88 0.10
C ARG A 50 2.44 11.72 -0.49
N GLU A 51 3.30 11.11 0.35
CA GLU A 51 4.16 9.99 -0.08
C GLU A 51 4.00 8.79 0.85
N HIS A 52 4.24 7.60 0.31
CA HIS A 52 4.10 6.36 1.09
C HIS A 52 5.09 5.30 0.58
N GLU A 53 5.55 4.43 1.49
CA GLU A 53 6.54 3.39 1.16
C GLU A 53 5.96 1.99 1.35
N HIS A 54 6.71 0.97 0.90
CA HIS A 54 6.27 -0.42 0.99
C HIS A 54 6.25 -0.92 2.43
N ARG A 55 5.36 -1.87 2.70
CA ARG A 55 5.20 -2.43 4.05
C ARG A 55 6.44 -3.21 4.46
N ASP A 56 6.90 -2.99 5.69
CA ASP A 56 8.08 -3.67 6.21
C ASP A 56 7.96 -5.18 6.07
N GLY A 1 14.30 16.29 14.15
CA GLY A 1 14.72 16.67 12.77
C GLY A 1 14.85 15.41 11.92
N LEU A 2 14.78 15.59 10.59
CA LEU A 2 14.88 14.46 9.64
C LEU A 2 13.63 13.56 9.73
N GLY A 3 13.53 12.81 10.84
CA GLY A 3 12.39 11.92 11.07
C GLY A 3 11.22 12.66 11.69
N PHE A 4 10.16 11.92 12.01
CA PHE A 4 8.96 12.50 12.63
C PHE A 4 8.13 11.38 13.29
N ALA A 5 6.91 11.72 13.76
CA ALA A 5 6.04 10.76 14.42
C ALA A 5 5.84 9.52 13.55
N LEU A 6 5.75 8.36 14.21
CA LEU A 6 5.60 7.07 13.50
C LEU A 6 4.45 7.13 12.51
N ALA A 7 3.31 7.69 12.94
CA ALA A 7 2.12 7.79 12.10
C ALA A 7 1.73 6.41 11.55
N LYS A 8 0.64 6.36 10.78
CA LYS A 8 0.14 5.11 10.21
C LYS A 8 -0.65 5.35 8.93
N ILE A 9 -0.95 4.27 8.21
CA ILE A 9 -1.72 4.35 6.97
C ILE A 9 -3.20 4.04 7.21
N ASP A 10 -3.99 4.07 6.13
CA ASP A 10 -5.41 3.74 6.22
C ASP A 10 -5.57 2.26 6.63
N PRO A 11 -6.66 1.89 7.33
CA PRO A 11 -6.86 0.48 7.81
C PRO A 11 -7.01 -0.52 6.66
N GLU A 12 -7.48 -0.04 5.50
CA GLU A 12 -7.70 -0.88 4.34
C GLU A 12 -6.39 -1.21 3.61
N LEU A 13 -5.46 -0.24 3.58
CA LEU A 13 -4.17 -0.44 2.88
C LEU A 13 -3.26 -1.42 3.61
N LYS A 14 -3.27 -1.40 4.95
CA LYS A 14 -2.35 -2.28 5.69
C LYS A 14 -2.59 -3.74 5.33
N GLN A 15 -3.86 -4.11 5.13
CA GLN A 15 -4.21 -5.47 4.74
C GLN A 15 -3.80 -5.76 3.29
N CYS A 16 -4.22 -4.89 2.35
CA CYS A 16 -3.93 -5.10 0.92
C CYS A 16 -2.44 -4.92 0.60
N LYS A 17 -1.89 -3.79 1.01
CA LYS A 17 -0.50 -3.44 0.72
C LYS A 17 0.49 -4.45 1.28
N HIS A 18 0.34 -4.80 2.56
CA HIS A 18 1.26 -5.74 3.20
C HIS A 18 1.15 -7.12 2.58
N GLN A 19 -0.09 -7.55 2.34
CA GLN A 19 -0.35 -8.86 1.76
C GLN A 19 0.11 -8.97 0.30
N CYS A 20 -0.07 -7.89 -0.46
CA CYS A 20 0.28 -7.90 -1.89
C CYS A 20 1.77 -8.03 -2.09
N LYS A 21 2.51 -7.15 -1.41
CA LYS A 21 3.96 -7.10 -1.52
C LYS A 21 4.64 -8.29 -0.83
N VAL A 22 3.92 -8.95 0.09
CA VAL A 22 4.52 -10.06 0.89
C VAL A 22 4.06 -11.46 0.42
N GLN A 23 2.82 -11.58 -0.05
CA GLN A 23 2.27 -12.88 -0.46
C GLN A 23 2.93 -13.42 -1.73
N ARG A 24 3.50 -14.62 -1.62
CA ARG A 24 4.18 -15.29 -2.76
C ARG A 24 3.17 -15.78 -3.82
N GLN A 25 1.92 -16.00 -3.38
CA GLN A 25 0.88 -16.52 -4.27
C GLN A 25 0.66 -15.61 -5.46
N TYR A 26 0.72 -14.29 -5.22
CA TYR A 26 0.48 -13.35 -6.30
C TYR A 26 1.68 -13.29 -7.25
N ASP A 27 1.37 -13.23 -8.54
CA ASP A 27 2.40 -13.13 -9.58
C ASP A 27 3.04 -11.76 -9.51
N GLU A 28 4.21 -11.61 -10.14
CA GLU A 28 4.91 -10.31 -10.15
C GLU A 28 4.06 -9.25 -10.87
N GLN A 29 3.42 -9.66 -11.95
CA GLN A 29 2.53 -8.78 -12.70
C GLN A 29 1.23 -8.52 -11.92
N GLN A 30 0.72 -9.57 -11.26
CA GLN A 30 -0.52 -9.47 -10.48
C GLN A 30 -0.35 -8.57 -9.27
N LYS A 31 0.81 -8.67 -8.59
CA LYS A 31 1.07 -7.86 -7.40
C LYS A 31 1.19 -6.38 -7.76
N GLU A 32 1.80 -6.10 -8.92
CA GLU A 32 1.94 -4.71 -9.38
C GLU A 32 0.55 -4.10 -9.64
N GLN A 33 -0.32 -4.88 -10.27
CA GLN A 33 -1.70 -4.46 -10.55
C GLN A 33 -2.50 -4.34 -9.24
N CYS A 34 -2.28 -5.31 -8.35
CA CYS A 34 -2.96 -5.37 -7.06
C CYS A 34 -2.66 -4.11 -6.21
N VAL A 35 -1.38 -3.76 -6.08
CA VAL A 35 -0.95 -2.58 -5.36
C VAL A 35 -1.50 -1.34 -6.06
N LYS A 36 -1.53 -1.37 -7.40
CA LYS A 36 -1.96 -0.22 -8.17
C LYS A 36 -3.38 0.20 -7.76
N GLU A 37 -4.31 -0.79 -7.64
CA GLU A 37 -5.70 -0.48 -7.24
C GLU A 37 -5.80 -0.08 -5.75
N CYS A 38 -5.10 -0.83 -4.88
CA CYS A 38 -5.14 -0.54 -3.44
C CYS A 38 -4.52 0.82 -3.15
N GLU A 39 -3.43 1.09 -3.84
CA GLU A 39 -2.77 2.35 -3.79
C GLU A 39 -3.73 3.41 -4.33
N LYS A 40 -4.54 3.03 -5.34
CA LYS A 40 -5.52 3.92 -5.96
C LYS A 40 -6.48 4.43 -4.90
N TYR A 41 -6.89 3.56 -3.94
CA TYR A 41 -7.79 4.00 -2.88
C TYR A 41 -7.15 5.13 -2.10
N TYR A 42 -5.86 4.95 -1.77
CA TYR A 42 -5.08 6.00 -1.10
C TYR A 42 -4.98 7.26 -1.99
N LYS A 43 -4.63 7.04 -3.26
CA LYS A 43 -4.42 8.11 -4.22
C LYS A 43 -5.68 8.94 -4.40
N GLU A 44 -6.81 8.27 -4.46
CA GLU A 44 -8.11 8.92 -4.58
C GLU A 44 -8.36 9.81 -3.35
N LYS A 45 -8.03 9.27 -2.17
CA LYS A 45 -8.22 9.98 -0.92
C LYS A 45 -7.40 11.28 -0.92
N LYS A 46 -6.16 11.19 -1.44
CA LYS A 46 -5.24 12.33 -1.50
C LYS A 46 -5.28 13.18 -0.22
N GLY A 47 -5.35 12.49 0.93
CA GLY A 47 -5.37 13.15 2.24
C GLY A 47 -3.97 13.57 2.65
N ARG A 48 -3.87 14.26 3.79
CA ARG A 48 -2.57 14.72 4.30
C ARG A 48 -1.92 13.65 5.16
N GLU A 49 -0.70 13.27 4.80
CA GLU A 49 0.07 12.27 5.55
C GLU A 49 1.50 12.76 5.77
N ARG A 50 1.90 12.87 7.04
CA ARG A 50 3.23 13.33 7.39
C ARG A 50 4.31 12.37 6.90
N GLU A 51 4.05 11.06 7.02
CA GLU A 51 5.01 10.03 6.60
C GLU A 51 4.30 8.72 6.25
N HIS A 52 4.74 8.09 5.16
CA HIS A 52 4.17 6.81 4.72
C HIS A 52 4.71 5.66 5.58
N GLU A 53 3.94 4.58 5.68
CA GLU A 53 4.33 3.42 6.48
C GLU A 53 4.15 2.13 5.68
N HIS A 54 5.11 1.20 5.84
CA HIS A 54 5.06 -0.09 5.13
C HIS A 54 5.67 -1.20 5.99
N ARG A 55 5.34 -2.45 5.65
CA ARG A 55 5.84 -3.62 6.39
C ARG A 55 7.23 -4.00 5.91
N ASP A 56 8.18 -4.09 6.84
CA ASP A 56 9.56 -4.44 6.52
C ASP A 56 10.37 -4.72 7.80
N GLY A 1 6.00 -9.69 13.46
CA GLY A 1 4.63 -10.26 13.63
C GLY A 1 3.80 -9.98 12.38
N LEU A 2 3.00 -10.97 11.97
CA LEU A 2 2.14 -10.84 10.80
C LEU A 2 1.11 -9.73 11.00
N GLY A 3 0.56 -9.65 12.22
CA GLY A 3 -0.45 -8.62 12.53
C GLY A 3 0.03 -7.71 13.65
N PHE A 4 -0.04 -6.39 13.39
CA PHE A 4 0.36 -5.39 14.38
C PHE A 4 -0.47 -4.12 14.19
N ALA A 5 -1.05 -3.61 15.28
CA ALA A 5 -1.88 -2.42 15.24
C ALA A 5 -1.08 -1.21 14.76
N LEU A 6 -1.64 -0.50 13.76
CA LEU A 6 -0.99 0.71 13.22
C LEU A 6 -2.04 1.65 12.64
N ALA A 7 -2.13 2.86 13.22
CA ALA A 7 -3.11 3.87 12.75
C ALA A 7 -2.54 4.76 11.64
N LYS A 8 -1.20 4.74 11.46
CA LYS A 8 -0.53 5.56 10.45
C LYS A 8 -1.00 5.19 9.04
N ILE A 9 -1.15 3.89 8.78
CA ILE A 9 -1.58 3.40 7.47
C ILE A 9 -3.04 2.91 7.52
N ASP A 10 -3.79 3.19 6.45
CA ASP A 10 -5.21 2.80 6.38
C ASP A 10 -5.35 1.25 6.42
N PRO A 11 -6.44 0.71 7.03
CA PRO A 11 -6.64 -0.78 7.15
C PRO A 11 -6.84 -1.45 5.78
N GLU A 12 -7.44 -0.72 4.85
CA GLU A 12 -7.72 -1.25 3.51
C GLU A 12 -6.43 -1.52 2.74
N LEU A 13 -5.48 -0.57 2.84
CA LEU A 13 -4.16 -0.76 2.21
C LEU A 13 -3.23 -1.55 3.13
N LYS A 14 -3.55 -1.57 4.44
CA LYS A 14 -2.71 -2.29 5.39
C LYS A 14 -2.65 -3.76 5.01
N GLN A 15 -3.82 -4.35 4.78
CA GLN A 15 -3.91 -5.73 4.36
C GLN A 15 -3.48 -5.92 2.90
N CYS A 16 -3.96 -5.03 2.01
CA CYS A 16 -3.67 -5.15 0.57
C CYS A 16 -2.18 -4.98 0.24
N LYS A 17 -1.58 -3.88 0.70
CA LYS A 17 -0.19 -3.56 0.40
C LYS A 17 0.80 -4.47 1.12
N HIS A 18 0.52 -4.79 2.38
CA HIS A 18 1.45 -5.63 3.16
C HIS A 18 1.61 -6.99 2.49
N GLN A 19 0.49 -7.60 2.10
CA GLN A 19 0.53 -8.92 1.47
C GLN A 19 1.12 -8.89 0.06
N CYS A 20 0.75 -7.87 -0.75
CA CYS A 20 1.27 -7.75 -2.13
C CYS A 20 2.75 -7.39 -2.14
N LYS A 21 3.13 -6.50 -1.24
CA LYS A 21 4.51 -6.06 -1.11
C LYS A 21 5.40 -7.23 -0.68
N VAL A 22 4.87 -8.08 0.21
CA VAL A 22 5.61 -9.28 0.66
C VAL A 22 5.89 -10.22 -0.52
N GLN A 23 4.92 -10.32 -1.45
CA GLN A 23 5.05 -11.17 -2.65
C GLN A 23 5.03 -12.65 -2.30
N ARG A 24 5.24 -13.52 -3.32
CA ARG A 24 5.22 -14.98 -3.17
C ARG A 24 3.79 -15.53 -3.14
N GLN A 25 2.87 -14.79 -2.48
CA GLN A 25 1.45 -15.18 -2.43
C GLN A 25 0.66 -14.62 -3.65
N TYR A 26 1.31 -13.75 -4.45
CA TYR A 26 0.65 -13.15 -5.62
C TYR A 26 1.50 -13.28 -6.90
N ASP A 27 0.81 -13.33 -8.03
CA ASP A 27 1.44 -13.44 -9.34
C ASP A 27 1.97 -12.09 -9.78
N GLU A 28 2.81 -12.09 -10.83
CA GLU A 28 3.38 -10.85 -11.36
C GLU A 28 2.26 -9.94 -11.88
N GLN A 29 1.28 -10.54 -12.55
CA GLN A 29 0.12 -9.81 -13.09
C GLN A 29 -0.74 -9.27 -11.95
N GLN A 30 -0.90 -10.07 -10.89
CA GLN A 30 -1.65 -9.68 -9.72
C GLN A 30 -0.95 -8.54 -8.99
N LYS A 31 0.39 -8.60 -8.96
CA LYS A 31 1.21 -7.61 -8.27
C LYS A 31 0.98 -6.20 -8.82
N GLU A 32 1.00 -6.06 -10.14
CA GLU A 32 0.81 -4.74 -10.77
C GLU A 32 -0.61 -4.23 -10.54
N GLN A 33 -1.59 -5.13 -10.62
CA GLN A 33 -2.99 -4.78 -10.38
C GLN A 33 -3.23 -4.41 -8.92
N CYS A 34 -2.60 -5.17 -8.01
CA CYS A 34 -2.77 -4.99 -6.57
C CYS A 34 -2.30 -3.61 -6.10
N VAL A 35 -1.03 -3.30 -6.41
CA VAL A 35 -0.45 -2.03 -6.01
C VAL A 35 -1.15 -0.89 -6.75
N LYS A 36 -1.38 -1.06 -8.05
CA LYS A 36 -2.00 0.00 -8.85
C LYS A 36 -3.41 0.34 -8.34
N GLU A 37 -4.20 -0.68 -7.99
CA GLU A 37 -5.58 -0.45 -7.50
C GLU A 37 -5.60 -0.01 -6.03
N CYS A 38 -4.84 -0.73 -5.18
CA CYS A 38 -4.79 -0.39 -3.75
C CYS A 38 -4.15 0.96 -3.51
N GLU A 39 -3.07 1.23 -4.25
CA GLU A 39 -2.43 2.53 -4.19
C GLU A 39 -3.41 3.57 -4.71
N LYS A 40 -4.21 3.20 -5.73
CA LYS A 40 -5.20 4.10 -6.28
C LYS A 40 -6.20 4.52 -5.18
N TYR A 41 -6.61 3.57 -4.30
CA TYR A 41 -7.57 3.90 -3.22
C TYR A 41 -6.98 5.03 -2.38
N TYR A 42 -5.69 4.90 -2.08
CA TYR A 42 -4.94 5.92 -1.38
C TYR A 42 -4.89 7.22 -2.23
N LYS A 43 -4.58 7.08 -3.52
CA LYS A 43 -4.38 8.22 -4.41
C LYS A 43 -5.64 9.07 -4.53
N GLU A 44 -6.77 8.42 -4.81
CA GLU A 44 -8.05 9.11 -4.92
C GLU A 44 -8.45 9.70 -3.55
N LYS A 45 -8.23 8.91 -2.50
CA LYS A 45 -8.58 9.31 -1.13
C LYS A 45 -7.78 10.55 -0.70
N LYS A 46 -6.50 10.59 -1.09
CA LYS A 46 -5.58 11.68 -0.71
C LYS A 46 -5.29 11.65 0.80
N GLY A 47 -4.22 12.34 1.20
CA GLY A 47 -3.81 12.37 2.61
C GLY A 47 -2.35 12.81 2.74
N ARG A 48 -1.71 12.42 3.85
CA ARG A 48 -0.30 12.77 4.10
C ARG A 48 0.55 12.34 2.90
N GLU A 49 1.13 13.34 2.20
CA GLU A 49 1.89 13.08 0.96
C GLU A 49 3.10 12.17 1.20
N ARG A 50 3.84 12.41 2.30
CA ARG A 50 5.04 11.61 2.60
C ARG A 50 4.67 10.15 2.82
N GLU A 51 5.41 9.26 2.15
CA GLU A 51 5.18 7.82 2.27
C GLU A 51 6.49 7.08 2.50
N HIS A 52 6.44 6.05 3.36
CA HIS A 52 7.62 5.22 3.66
C HIS A 52 7.24 3.74 3.68
N GLU A 53 6.15 3.43 4.41
CA GLU A 53 5.67 2.05 4.51
C GLU A 53 6.73 1.13 5.12
N HIS A 54 6.62 0.92 6.44
CA HIS A 54 7.54 0.03 7.16
C HIS A 54 6.75 -1.05 7.91
N ARG A 55 6.99 -2.32 7.54
CA ARG A 55 6.29 -3.46 8.17
C ARG A 55 7.18 -4.11 9.22
N ASP A 56 6.66 -4.21 10.45
CA ASP A 56 7.40 -4.82 11.56
C ASP A 56 6.46 -5.19 12.70
N GLY A 1 9.89 12.99 -20.28
CA GLY A 1 8.79 13.40 -19.35
C GLY A 1 7.72 14.16 -20.13
N LEU A 2 6.62 13.48 -20.48
CA LEU A 2 5.53 14.08 -21.21
C LEU A 2 4.90 15.23 -20.40
N GLY A 3 4.76 15.00 -19.09
CA GLY A 3 4.19 16.02 -18.19
C GLY A 3 3.42 15.36 -17.04
N PHE A 4 3.17 16.14 -15.98
CA PHE A 4 2.44 15.65 -14.80
C PHE A 4 3.02 14.30 -14.32
N ALA A 5 4.35 14.22 -14.25
CA ALA A 5 5.03 13.01 -13.80
C ALA A 5 5.43 13.12 -12.33
N LEU A 6 4.88 12.21 -11.50
CA LEU A 6 5.17 12.21 -10.06
C LEU A 6 5.81 10.89 -9.67
N ALA A 7 6.89 10.96 -8.89
CA ALA A 7 7.56 9.75 -8.40
C ALA A 7 7.26 9.50 -6.92
N LYS A 8 6.93 10.57 -6.18
CA LYS A 8 6.63 10.47 -4.76
C LYS A 8 5.38 9.62 -4.53
N ILE A 9 5.48 8.69 -3.57
CA ILE A 9 4.36 7.80 -3.23
C ILE A 9 4.24 7.64 -1.71
N ASP A 10 2.99 7.52 -1.24
CA ASP A 10 2.72 7.38 0.19
C ASP A 10 3.20 6.00 0.72
N PRO A 11 3.61 5.91 2.01
CA PRO A 11 4.09 4.61 2.62
C PRO A 11 2.94 3.62 2.85
N GLU A 12 1.70 4.13 2.87
CA GLU A 12 0.53 3.28 3.12
C GLU A 12 0.47 2.13 2.13
N LEU A 13 1.02 2.35 0.93
CA LEU A 13 1.11 1.27 -0.07
C LEU A 13 2.14 0.23 0.34
N LYS A 14 3.17 0.66 1.09
CA LYS A 14 4.21 -0.25 1.55
C LYS A 14 3.58 -1.34 2.41
N GLN A 15 2.62 -0.93 3.24
CA GLN A 15 1.88 -1.84 4.08
C GLN A 15 1.04 -2.81 3.24
N CYS A 16 0.39 -2.29 2.17
CA CYS A 16 -0.42 -3.18 1.30
C CYS A 16 0.47 -4.07 0.44
N LYS A 17 1.67 -3.57 0.11
CA LYS A 17 2.66 -4.35 -0.64
C LYS A 17 3.06 -5.57 0.16
N HIS A 18 3.22 -5.35 1.47
CA HIS A 18 3.52 -6.42 2.41
C HIS A 18 2.39 -7.44 2.37
N GLN A 19 1.14 -6.94 2.34
CA GLN A 19 -0.03 -7.78 2.33
C GLN A 19 -0.07 -8.68 1.08
N CYS A 20 0.25 -8.09 -0.10
CA CYS A 20 0.23 -8.85 -1.35
C CYS A 20 1.37 -9.85 -1.41
N LYS A 21 2.57 -9.35 -1.11
CA LYS A 21 3.78 -10.16 -1.17
C LYS A 21 3.80 -11.27 -0.09
N VAL A 22 2.94 -11.12 0.94
CA VAL A 22 2.88 -12.12 2.04
C VAL A 22 1.82 -13.20 1.77
N GLN A 23 0.71 -12.80 1.14
CA GLN A 23 -0.37 -13.74 0.83
C GLN A 23 -0.03 -14.56 -0.42
N ARG A 24 0.58 -15.73 -0.21
CA ARG A 24 1.00 -16.59 -1.32
C ARG A 24 1.87 -15.80 -2.30
N GLN A 25 2.30 -16.46 -3.39
CA GLN A 25 3.13 -15.79 -4.40
C GLN A 25 2.28 -15.21 -5.53
N TYR A 26 2.58 -13.96 -5.91
CA TYR A 26 1.84 -13.28 -6.99
C TYR A 26 2.76 -12.94 -8.16
N ASP A 27 2.19 -12.99 -9.35
CA ASP A 27 2.90 -12.63 -10.57
C ASP A 27 3.12 -11.13 -10.61
N GLU A 28 3.94 -10.66 -11.56
CA GLU A 28 4.21 -9.23 -11.69
C GLU A 28 2.90 -8.47 -11.94
N GLN A 29 2.05 -9.05 -12.78
CA GLN A 29 0.75 -8.46 -13.09
C GLN A 29 -0.20 -8.53 -11.88
N GLN A 30 -0.14 -9.66 -11.15
CA GLN A 30 -0.97 -9.86 -9.96
C GLN A 30 -0.60 -8.86 -8.87
N LYS A 31 0.70 -8.63 -8.72
CA LYS A 31 1.22 -7.69 -7.73
C LYS A 31 0.69 -6.28 -8.02
N GLU A 32 0.63 -5.95 -9.32
CA GLU A 32 0.11 -4.67 -9.76
C GLU A 32 -1.35 -4.51 -9.31
N GLN A 33 -2.11 -5.60 -9.41
CA GLN A 33 -3.53 -5.61 -9.01
C GLN A 33 -3.67 -5.28 -7.52
N CYS A 34 -2.75 -5.81 -6.69
CA CYS A 34 -2.78 -5.56 -5.25
C CYS A 34 -2.63 -4.07 -4.97
N VAL A 35 -1.69 -3.46 -5.69
CA VAL A 35 -1.42 -2.04 -5.57
C VAL A 35 -2.66 -1.24 -5.94
N LYS A 36 -3.37 -1.65 -6.99
CA LYS A 36 -4.57 -0.92 -7.42
C LYS A 36 -5.61 -0.85 -6.31
N GLU A 37 -5.78 -1.95 -5.58
CA GLU A 37 -6.78 -1.99 -4.48
C GLU A 37 -6.42 -1.03 -3.34
N CYS A 38 -5.14 -1.04 -2.92
CA CYS A 38 -4.71 -0.15 -1.82
C CYS A 38 -4.45 1.27 -2.28
N GLU A 39 -3.95 1.40 -3.49
CA GLU A 39 -3.73 2.68 -4.10
C GLU A 39 -5.08 3.36 -4.28
N LYS A 40 -6.11 2.56 -4.63
CA LYS A 40 -7.46 3.06 -4.78
C LYS A 40 -7.97 3.64 -3.47
N TYR A 41 -7.68 2.96 -2.33
CA TYR A 41 -8.13 3.49 -1.03
C TYR A 41 -7.54 4.90 -0.84
N TYR A 42 -6.26 5.03 -1.17
CA TYR A 42 -5.56 6.31 -1.12
C TYR A 42 -6.19 7.32 -2.11
N LYS A 43 -6.42 6.84 -3.33
CA LYS A 43 -6.91 7.68 -4.42
C LYS A 43 -8.25 8.30 -4.10
N GLU A 44 -9.19 7.47 -3.68
CA GLU A 44 -10.54 7.91 -3.33
C GLU A 44 -10.56 8.70 -2.00
N LYS A 45 -9.94 8.12 -0.97
CA LYS A 45 -9.92 8.72 0.38
C LYS A 45 -9.12 10.02 0.41
N LYS A 46 -7.98 10.02 -0.27
CA LYS A 46 -7.08 11.18 -0.29
C LYS A 46 -6.66 11.58 1.13
N GLY A 47 -6.46 10.57 2.00
CA GLY A 47 -6.04 10.80 3.39
C GLY A 47 -4.53 10.79 3.53
N ARG A 48 -4.05 10.90 4.77
CA ARG A 48 -2.61 10.89 5.05
C ARG A 48 -2.30 10.05 6.30
N GLU A 49 -1.34 9.13 6.17
CA GLU A 49 -0.93 8.27 7.30
C GLU A 49 0.51 7.77 7.11
N ARG A 50 1.21 7.59 8.24
CA ARG A 50 2.60 7.11 8.22
C ARG A 50 2.80 5.88 9.12
N GLU A 51 1.89 5.70 10.10
CA GLU A 51 1.98 4.57 11.04
C GLU A 51 1.01 3.40 10.62
N HIS A 52 -0.06 3.13 11.42
CA HIS A 52 -1.00 2.05 11.11
C HIS A 52 -0.30 0.69 11.12
N GLU A 53 -1.07 -0.36 11.45
CA GLU A 53 -0.51 -1.72 11.54
C GLU A 53 -1.62 -2.78 11.47
N HIS A 54 -1.22 -4.05 11.38
CA HIS A 54 -2.18 -5.16 11.31
C HIS A 54 -3.14 -5.02 10.12
N ARG A 55 -2.57 -4.87 8.91
CA ARG A 55 -3.38 -4.73 7.69
C ARG A 55 -4.34 -5.90 7.55
N ASP A 56 -5.57 -5.59 7.12
CA ASP A 56 -6.60 -6.62 6.93
C ASP A 56 -6.85 -7.40 8.21
N GLY A 1 12.80 -4.93 14.52
CA GLY A 1 13.22 -3.55 14.15
C GLY A 1 12.90 -2.59 15.29
N LEU A 2 13.48 -1.39 15.23
CA LEU A 2 13.27 -0.38 16.27
C LEU A 2 11.80 0.04 16.32
N GLY A 3 11.18 0.18 15.15
CA GLY A 3 9.77 0.58 15.06
C GLY A 3 8.85 -0.56 15.50
N PHE A 4 7.66 -0.20 15.97
CA PHE A 4 6.68 -1.20 16.42
C PHE A 4 5.42 -1.16 15.54
N ALA A 5 5.63 -1.24 14.22
CA ALA A 5 4.55 -1.25 13.23
C ALA A 5 3.76 0.07 13.22
N LEU A 6 2.92 0.30 14.25
CA LEU A 6 2.08 1.50 14.35
C LEU A 6 1.08 1.54 13.19
N ALA A 7 -0.16 1.93 13.49
CA ALA A 7 -1.22 1.97 12.49
C ALA A 7 -0.89 2.93 11.34
N LYS A 8 -0.34 4.11 11.68
CA LYS A 8 0.04 5.13 10.70
C LYS A 8 -0.98 5.21 9.51
N ILE A 9 -0.71 4.48 8.41
CA ILE A 9 -1.58 4.48 7.24
C ILE A 9 -2.90 3.73 7.55
N ASP A 10 -3.91 3.92 6.71
CA ASP A 10 -5.20 3.25 6.90
C ASP A 10 -5.04 1.72 6.74
N PRO A 11 -5.88 0.91 7.41
CA PRO A 11 -5.76 -0.60 7.38
C PRO A 11 -6.01 -1.19 6.00
N GLU A 12 -6.80 -0.46 5.18
CA GLU A 12 -7.16 -0.97 3.86
C GLU A 12 -5.91 -1.21 3.01
N LEU A 13 -4.89 -0.35 3.16
CA LEU A 13 -3.61 -0.53 2.44
C LEU A 13 -2.63 -1.39 3.23
N LYS A 14 -2.76 -1.40 4.57
CA LYS A 14 -1.82 -2.19 5.37
C LYS A 14 -1.93 -3.65 5.00
N GLN A 15 -3.16 -4.12 4.83
CA GLN A 15 -3.42 -5.50 4.45
C GLN A 15 -3.28 -5.69 2.93
N CYS A 16 -3.92 -4.79 2.16
CA CYS A 16 -3.92 -4.88 0.69
C CYS A 16 -2.50 -4.78 0.10
N LYS A 17 -1.77 -3.75 0.54
CA LYS A 17 -0.44 -3.47 0.02
C LYS A 17 0.64 -4.42 0.57
N HIS A 18 0.67 -4.62 1.91
CA HIS A 18 1.73 -5.44 2.51
C HIS A 18 1.69 -6.87 1.98
N GLN A 19 0.49 -7.46 1.90
CA GLN A 19 0.38 -8.83 1.42
C GLN A 19 0.73 -8.95 -0.06
N CYS A 20 0.25 -7.97 -0.85
CA CYS A 20 0.49 -7.96 -2.29
C CYS A 20 1.96 -7.79 -2.65
N LYS A 21 2.66 -6.87 -1.98
CA LYS A 21 4.09 -6.64 -2.26
C LYS A 21 4.94 -7.84 -1.83
N VAL A 22 4.47 -8.56 -0.79
CA VAL A 22 5.15 -9.76 -0.30
C VAL A 22 5.07 -10.88 -1.35
N GLN A 23 3.94 -10.95 -2.08
CA GLN A 23 3.70 -11.99 -3.11
C GLN A 23 3.33 -13.33 -2.46
N ARG A 24 2.53 -13.25 -1.39
CA ARG A 24 2.09 -14.42 -0.63
C ARG A 24 1.28 -15.38 -1.52
N GLN A 25 0.32 -14.83 -2.29
CA GLN A 25 -0.54 -15.65 -3.16
C GLN A 25 -0.86 -14.94 -4.49
N TYR A 26 0.03 -14.03 -4.93
CA TYR A 26 -0.19 -13.30 -6.19
C TYR A 26 1.00 -13.44 -7.13
N ASP A 27 0.73 -13.44 -8.43
CA ASP A 27 1.79 -13.49 -9.45
C ASP A 27 2.53 -12.17 -9.44
N GLU A 28 3.71 -12.13 -10.07
CA GLU A 28 4.49 -10.89 -10.14
C GLU A 28 3.72 -9.80 -10.86
N GLN A 29 3.03 -10.19 -11.93
CA GLN A 29 2.20 -9.26 -12.69
C GLN A 29 0.96 -8.85 -11.89
N GLN A 30 0.36 -9.83 -11.20
CA GLN A 30 -0.84 -9.59 -10.40
C GLN A 30 -0.58 -8.69 -9.20
N LYS A 31 0.57 -8.89 -8.53
CA LYS A 31 0.92 -8.08 -7.36
C LYS A 31 1.14 -6.62 -7.75
N GLU A 32 1.72 -6.41 -8.95
CA GLU A 32 1.91 -5.04 -9.45
C GLU A 32 0.56 -4.36 -9.64
N GLN A 33 -0.41 -5.14 -10.16
CA GLN A 33 -1.78 -4.67 -10.33
C GLN A 33 -2.41 -4.39 -8.96
N CYS A 34 -2.11 -5.26 -7.98
CA CYS A 34 -2.65 -5.11 -6.63
C CYS A 34 -2.21 -3.80 -6.00
N VAL A 35 -0.92 -3.46 -6.14
CA VAL A 35 -0.39 -2.22 -5.58
C VAL A 35 -1.17 -1.06 -6.16
N LYS A 36 -1.46 -1.12 -7.46
CA LYS A 36 -2.23 -0.08 -8.10
C LYS A 36 -3.62 0.02 -7.46
N GLU A 37 -4.23 -1.15 -7.17
CA GLU A 37 -5.56 -1.18 -6.54
C GLU A 37 -5.56 -0.60 -5.12
N CYS A 38 -4.59 -1.02 -4.29
CA CYS A 38 -4.50 -0.54 -2.90
C CYS A 38 -4.07 0.94 -2.88
N GLU A 39 -3.06 1.23 -3.69
CA GLU A 39 -2.50 2.56 -3.78
C GLU A 39 -3.55 3.52 -4.31
N LYS A 40 -4.37 3.06 -5.28
CA LYS A 40 -5.45 3.90 -5.84
C LYS A 40 -6.44 4.31 -4.78
N TYR A 41 -6.76 3.39 -3.83
CA TYR A 41 -7.70 3.73 -2.76
C TYR A 41 -7.17 4.92 -1.98
N TYR A 42 -5.87 4.88 -1.67
CA TYR A 42 -5.22 5.99 -0.98
C TYR A 42 -5.13 7.24 -1.88
N LYS A 43 -4.84 7.01 -3.17
CA LYS A 43 -4.68 8.11 -4.14
C LYS A 43 -5.96 8.91 -4.24
N GLU A 44 -7.08 8.19 -4.29
CA GLU A 44 -8.39 8.82 -4.36
C GLU A 44 -8.63 9.68 -3.11
N LYS A 45 -8.24 9.12 -1.95
CA LYS A 45 -8.42 9.81 -0.67
C LYS A 45 -7.65 11.14 -0.66
N LYS A 46 -6.42 11.12 -1.20
CA LYS A 46 -5.57 12.31 -1.24
C LYS A 46 -5.28 12.82 0.19
N GLY A 47 -4.85 11.89 1.07
CA GLY A 47 -4.55 12.21 2.46
C GLY A 47 -3.35 13.15 2.58
N ARG A 48 -3.30 13.90 3.69
CA ARG A 48 -2.23 14.85 3.95
C ARG A 48 -0.87 14.15 4.07
N GLU A 49 -0.88 12.98 4.72
CA GLU A 49 0.35 12.21 4.94
C GLU A 49 0.84 11.54 3.67
N ARG A 50 2.05 10.99 3.74
CA ARG A 50 2.66 10.31 2.62
C ARG A 50 3.39 9.06 3.12
N GLU A 51 3.60 8.10 2.21
CA GLU A 51 4.22 6.81 2.59
C GLU A 51 5.33 6.39 1.62
N HIS A 52 6.27 5.59 2.14
CA HIS A 52 7.39 5.07 1.34
C HIS A 52 7.37 3.54 1.34
N GLU A 53 7.03 2.95 2.49
CA GLU A 53 6.99 1.48 2.66
C GLU A 53 6.59 1.10 4.11
N HIS A 54 7.60 0.81 4.98
CA HIS A 54 7.34 0.47 6.38
C HIS A 54 6.35 -0.69 6.53
N ARG A 55 6.59 -1.78 5.78
CA ARG A 55 5.72 -2.96 5.83
C ARG A 55 5.64 -3.49 7.26
N ASP A 56 4.42 -3.83 7.70
CA ASP A 56 4.19 -4.35 9.05
C ASP A 56 4.64 -3.34 10.11
N GLY A 1 -8.66 10.42 5.58
CA GLY A 1 -9.50 11.26 4.67
C GLY A 1 -9.24 12.73 4.93
N LEU A 2 -10.20 13.39 5.57
CA LEU A 2 -10.08 14.81 5.90
C LEU A 2 -11.01 15.19 7.06
N GLY A 3 -10.94 16.47 7.46
CA GLY A 3 -11.77 16.97 8.57
C GLY A 3 -11.05 16.91 9.92
N PHE A 4 -9.87 16.24 9.96
CA PHE A 4 -9.10 16.15 11.20
C PHE A 4 -7.61 16.49 10.94
N ALA A 5 -6.87 15.58 10.28
CA ALA A 5 -5.45 15.81 9.95
C ALA A 5 -4.80 14.56 9.35
N LEU A 6 -5.24 13.38 9.81
CA LEU A 6 -4.67 12.11 9.36
C LEU A 6 -3.18 12.04 9.69
N ALA A 7 -2.85 11.26 10.71
CA ALA A 7 -1.46 11.13 11.17
C ALA A 7 -0.56 10.56 10.09
N LYS A 8 -1.05 9.56 9.34
CA LYS A 8 -0.26 8.91 8.30
C LYS A 8 -1.16 8.07 7.36
N ILE A 9 -0.52 7.22 6.54
CA ILE A 9 -1.23 6.34 5.60
C ILE A 9 -2.48 5.71 6.24
N ASP A 10 -3.52 5.54 5.42
CA ASP A 10 -4.78 4.95 5.87
C ASP A 10 -4.60 3.44 6.16
N PRO A 11 -5.39 2.85 7.07
CA PRO A 11 -5.29 1.38 7.40
C PRO A 11 -5.68 0.50 6.22
N GLU A 12 -6.54 1.03 5.34
CA GLU A 12 -7.01 0.29 4.17
C GLU A 12 -5.83 -0.12 3.29
N LEU A 13 -4.84 0.77 3.17
CA LEU A 13 -3.61 0.43 2.43
C LEU A 13 -2.66 -0.39 3.30
N LYS A 14 -2.74 -0.18 4.63
CA LYS A 14 -1.88 -0.89 5.55
C LYS A 14 -2.10 -2.39 5.42
N GLN A 15 -3.36 -2.78 5.43
CA GLN A 15 -3.74 -4.18 5.33
C GLN A 15 -3.48 -4.74 3.91
N CYS A 16 -3.92 -4.01 2.87
CA CYS A 16 -3.75 -4.47 1.48
C CYS A 16 -2.27 -4.49 1.06
N LYS A 17 -1.56 -3.40 1.33
CA LYS A 17 -0.16 -3.27 0.93
C LYS A 17 0.69 -4.39 1.53
N HIS A 18 0.50 -4.62 2.84
CA HIS A 18 1.25 -5.66 3.54
C HIS A 18 0.92 -7.03 2.97
N GLN A 19 -0.36 -7.28 2.70
CA GLN A 19 -0.81 -8.56 2.16
C GLN A 19 -0.29 -8.82 0.74
N CYS A 20 -0.27 -7.77 -0.10
CA CYS A 20 0.17 -7.91 -1.50
C CYS A 20 1.64 -8.24 -1.57
N LYS A 21 2.43 -7.43 -0.87
CA LYS A 21 3.88 -7.58 -0.86
C LYS A 21 4.35 -8.80 -0.03
N VAL A 22 3.46 -9.31 0.84
CA VAL A 22 3.82 -10.47 1.72
C VAL A 22 3.19 -11.81 1.23
N GLN A 23 2.31 -11.72 0.21
CA GLN A 23 1.66 -12.92 -0.34
C GLN A 23 2.68 -14.05 -0.57
N ARG A 24 2.24 -15.30 -0.39
CA ARG A 24 3.13 -16.45 -0.53
C ARG A 24 3.75 -16.45 -1.92
N GLN A 25 2.94 -16.17 -2.94
CA GLN A 25 3.43 -16.05 -4.31
C GLN A 25 2.46 -15.28 -5.21
N TYR A 26 2.95 -14.18 -5.78
CA TYR A 26 2.16 -13.35 -6.71
C TYR A 26 3.01 -13.01 -7.94
N ASP A 27 2.40 -13.12 -9.12
CA ASP A 27 3.08 -12.79 -10.37
C ASP A 27 3.40 -11.31 -10.43
N GLU A 28 4.46 -10.94 -11.18
CA GLU A 28 4.87 -9.54 -11.28
C GLU A 28 3.75 -8.69 -11.87
N GLN A 29 3.08 -9.22 -12.89
CA GLN A 29 1.95 -8.55 -13.52
C GLN A 29 0.78 -8.43 -12.54
N GLN A 30 0.55 -9.49 -11.77
CA GLN A 30 -0.51 -9.51 -10.76
C GLN A 30 -0.25 -8.49 -9.66
N LYS A 31 1.03 -8.36 -9.28
CA LYS A 31 1.44 -7.43 -8.24
C LYS A 31 1.10 -6.00 -8.63
N GLU A 32 1.32 -5.67 -9.91
CA GLU A 32 1.03 -4.32 -10.40
C GLU A 32 -0.44 -4.01 -10.26
N GLN A 33 -1.29 -4.98 -10.65
CA GLN A 33 -2.74 -4.83 -10.55
C GLN A 33 -3.19 -4.80 -9.08
N CYS A 34 -2.54 -5.65 -8.28
CA CYS A 34 -2.85 -5.77 -6.84
C CYS A 34 -2.60 -4.44 -6.12
N VAL A 35 -1.38 -3.93 -6.24
CA VAL A 35 -1.01 -2.66 -5.66
C VAL A 35 -1.81 -1.53 -6.29
N LYS A 36 -2.00 -1.59 -7.61
CA LYS A 36 -2.70 -0.52 -8.34
C LYS A 36 -4.13 -0.33 -7.80
N GLU A 37 -4.86 -1.45 -7.58
CA GLU A 37 -6.25 -1.35 -7.09
C GLU A 37 -6.30 -0.71 -5.69
N CYS A 38 -5.46 -1.23 -4.80
CA CYS A 38 -5.40 -0.72 -3.43
C CYS A 38 -4.84 0.71 -3.40
N GLU A 39 -3.85 0.94 -4.24
CA GLU A 39 -3.25 2.24 -4.40
C GLU A 39 -4.29 3.23 -4.88
N LYS A 40 -5.22 2.76 -5.75
CA LYS A 40 -6.29 3.61 -6.26
C LYS A 40 -7.12 4.16 -5.12
N TYR A 41 -7.40 3.32 -4.09
CA TYR A 41 -8.18 3.82 -2.93
C TYR A 41 -7.43 5.00 -2.29
N TYR A 42 -6.11 4.84 -2.16
CA TYR A 42 -5.24 5.90 -1.63
C TYR A 42 -5.25 7.12 -2.57
N LYS A 43 -5.18 6.84 -3.88
CA LYS A 43 -5.16 7.88 -4.90
C LYS A 43 -6.42 8.72 -4.87
N GLU A 44 -7.54 8.03 -4.66
CA GLU A 44 -8.85 8.68 -4.61
C GLU A 44 -8.88 9.72 -3.49
N LYS A 45 -8.41 9.33 -2.31
CA LYS A 45 -8.42 10.20 -1.14
C LYS A 45 -7.34 11.32 -1.21
N LYS A 46 -6.33 11.11 -2.09
CA LYS A 46 -5.27 12.12 -2.31
C LYS A 46 -4.43 12.35 -1.03
N GLY A 47 -3.54 11.39 -0.73
CA GLY A 47 -2.66 11.49 0.44
C GLY A 47 -1.19 11.57 0.02
N ARG A 48 -0.40 12.37 0.75
CA ARG A 48 1.03 12.54 0.46
C ARG A 48 1.90 12.13 1.67
N GLU A 49 1.34 11.32 2.59
CA GLU A 49 2.06 10.92 3.80
C GLU A 49 2.37 9.43 3.82
N ARG A 50 3.55 9.09 4.31
CA ARG A 50 3.99 7.70 4.44
C ARG A 50 4.96 7.55 5.62
N GLU A 51 5.08 6.34 6.14
CA GLU A 51 5.96 6.08 7.28
C GLU A 51 6.71 4.74 7.15
N HIS A 52 5.97 3.63 7.23
CA HIS A 52 6.58 2.30 7.16
C HIS A 52 6.97 1.94 5.73
N GLU A 53 8.04 1.16 5.60
CA GLU A 53 8.53 0.69 4.29
C GLU A 53 8.28 -0.81 4.11
N HIS A 54 8.06 -1.54 5.22
CA HIS A 54 7.82 -2.97 5.19
C HIS A 54 7.06 -3.42 6.44
N ARG A 55 6.48 -4.64 6.40
CA ARG A 55 5.73 -5.16 7.54
C ARG A 55 6.67 -5.79 8.56
N ASP A 56 6.50 -5.42 9.83
CA ASP A 56 7.33 -5.94 10.92
C ASP A 56 7.20 -7.46 11.01
N GLY A 1 7.57 1.46 24.67
CA GLY A 1 6.55 1.09 23.65
C GLY A 1 7.18 0.14 22.62
N LEU A 2 6.79 -1.14 22.70
CA LEU A 2 7.31 -2.15 21.78
C LEU A 2 6.95 -1.82 20.34
N GLY A 3 5.69 -1.40 20.14
CA GLY A 3 5.20 -1.04 18.79
C GLY A 3 4.17 -2.06 18.30
N PHE A 4 4.17 -2.29 16.99
CA PHE A 4 3.23 -3.25 16.36
C PHE A 4 1.79 -2.78 16.56
N ALA A 5 0.88 -3.31 15.72
CA ALA A 5 -0.54 -2.94 15.79
C ALA A 5 -0.74 -1.46 15.50
N LEU A 6 -1.65 -1.15 14.56
CA LEU A 6 -1.94 0.23 14.16
C LEU A 6 -0.71 0.89 13.54
N ALA A 7 -0.93 1.57 12.41
CA ALA A 7 0.15 2.26 11.72
C ALA A 7 -0.39 3.46 10.95
N LYS A 8 0.51 4.41 10.65
CA LYS A 8 0.13 5.62 9.91
C LYS A 8 -0.45 5.25 8.54
N ILE A 9 0.19 4.26 7.89
CA ILE A 9 -0.26 3.79 6.58
C ILE A 9 -1.75 3.40 6.65
N ASP A 10 -2.50 3.70 5.58
CA ASP A 10 -3.95 3.41 5.54
C ASP A 10 -4.22 1.93 5.93
N PRO A 11 -5.29 1.62 6.68
CA PRO A 11 -5.60 0.22 7.13
C PRO A 11 -5.91 -0.71 5.96
N GLU A 12 -6.54 -0.14 4.92
CA GLU A 12 -6.90 -0.92 3.73
C GLU A 12 -5.65 -1.36 2.95
N LEU A 13 -4.60 -0.51 2.96
CA LEU A 13 -3.33 -0.85 2.29
C LEU A 13 -2.55 -1.88 3.09
N LYS A 14 -2.77 -1.93 4.42
CA LYS A 14 -2.04 -2.89 5.26
C LYS A 14 -2.36 -4.30 4.81
N GLN A 15 -3.64 -4.53 4.50
CA GLN A 15 -4.09 -5.81 4.02
C GLN A 15 -3.61 -6.09 2.59
N CYS A 16 -3.66 -5.05 1.71
CA CYS A 16 -3.27 -5.24 0.30
C CYS A 16 -1.76 -5.45 0.14
N LYS A 17 -0.99 -4.56 0.77
CA LYS A 17 0.46 -4.55 0.63
C LYS A 17 1.11 -5.71 1.35
N HIS A 18 0.68 -5.96 2.58
CA HIS A 18 1.26 -7.04 3.38
C HIS A 18 1.02 -8.36 2.70
N GLN A 19 -0.23 -8.58 2.27
CA GLN A 19 -0.61 -9.82 1.64
C GLN A 19 0.01 -9.98 0.24
N CYS A 20 0.02 -8.90 -0.55
CA CYS A 20 0.55 -8.95 -1.91
C CYS A 20 2.05 -9.14 -1.96
N LYS A 21 2.75 -8.42 -1.07
CA LYS A 21 4.20 -8.57 -0.94
C LYS A 21 4.54 -9.91 -0.27
N VAL A 22 3.74 -10.27 0.74
CA VAL A 22 4.00 -11.52 1.52
C VAL A 22 3.09 -12.69 1.07
N GLN A 23 2.57 -12.59 -0.16
CA GLN A 23 1.72 -13.65 -0.73
C GLN A 23 2.48 -14.98 -0.82
N ARG A 24 3.78 -14.89 -1.15
CA ARG A 24 4.66 -16.08 -1.30
C ARG A 24 4.27 -16.91 -2.54
N GLN A 25 3.51 -16.30 -3.47
CA GLN A 25 3.08 -16.97 -4.72
C GLN A 25 2.12 -16.06 -5.51
N TYR A 26 2.64 -14.90 -5.97
CA TYR A 26 1.83 -13.93 -6.70
C TYR A 26 2.46 -13.63 -8.07
N ASP A 27 1.61 -13.51 -9.10
CA ASP A 27 2.06 -13.16 -10.44
C ASP A 27 2.57 -11.73 -10.47
N GLU A 28 3.54 -11.45 -11.35
CA GLU A 28 4.12 -10.11 -11.47
C GLU A 28 3.06 -9.09 -11.88
N GLN A 29 2.21 -9.49 -12.82
CA GLN A 29 1.13 -8.64 -13.31
C GLN A 29 0.09 -8.38 -12.20
N GLN A 30 -0.20 -9.42 -11.43
CA GLN A 30 -1.16 -9.32 -10.32
C GLN A 30 -0.64 -8.39 -9.23
N LYS A 31 0.68 -8.48 -8.96
CA LYS A 31 1.31 -7.66 -7.93
C LYS A 31 1.17 -6.19 -8.25
N GLU A 32 1.35 -5.84 -9.53
CA GLU A 32 1.22 -4.46 -9.98
C GLU A 32 -0.22 -3.98 -9.77
N GLN A 33 -1.18 -4.85 -10.08
CA GLN A 33 -2.60 -4.53 -9.92
C GLN A 33 -3.00 -4.33 -8.46
N CYS A 34 -2.44 -5.19 -7.57
CA CYS A 34 -2.77 -5.13 -6.14
C CYS A 34 -2.38 -3.78 -5.53
N VAL A 35 -1.12 -3.41 -5.67
CA VAL A 35 -0.63 -2.16 -5.14
C VAL A 35 -1.27 -0.99 -5.89
N LYS A 36 -1.39 -1.11 -7.21
CA LYS A 36 -1.94 -0.04 -8.03
C LYS A 36 -3.38 0.29 -7.59
N GLU A 37 -4.21 -0.75 -7.40
CA GLU A 37 -5.62 -0.55 -7.01
C GLU A 37 -5.76 -0.05 -5.57
N CYS A 38 -5.00 -0.65 -4.64
CA CYS A 38 -5.10 -0.27 -3.23
C CYS A 38 -4.37 1.02 -2.90
N GLU A 39 -3.27 1.27 -3.61
CA GLU A 39 -2.56 2.53 -3.48
C GLU A 39 -3.47 3.65 -3.97
N LYS A 40 -4.26 3.34 -5.02
CA LYS A 40 -5.20 4.28 -5.59
C LYS A 40 -6.21 4.71 -4.52
N TYR A 41 -6.66 3.75 -3.67
CA TYR A 41 -7.61 4.11 -2.60
C TYR A 41 -6.98 5.18 -1.70
N TYR A 42 -5.72 4.95 -1.33
CA TYR A 42 -4.95 5.92 -0.52
C TYR A 42 -4.79 7.26 -1.29
N LYS A 43 -4.41 7.13 -2.55
CA LYS A 43 -4.14 8.27 -3.41
C LYS A 43 -5.35 9.16 -3.56
N GLU A 44 -6.50 8.53 -3.73
CA GLU A 44 -7.76 9.25 -3.89
C GLU A 44 -8.06 10.10 -2.64
N LYS A 45 -7.91 9.50 -1.46
CA LYS A 45 -8.19 10.20 -0.20
C LYS A 45 -7.23 11.38 0.04
N LYS A 46 -5.95 11.19 -0.31
CA LYS A 46 -4.94 12.25 -0.11
C LYS A 46 -4.84 12.60 1.39
N GLY A 47 -4.11 13.70 1.71
CA GLY A 47 -3.97 14.16 3.09
C GLY A 47 -2.58 14.70 3.38
N ARG A 48 -1.56 14.12 2.75
CA ARG A 48 -0.17 14.55 2.96
C ARG A 48 0.57 14.72 1.64
N GLU A 49 1.37 15.78 1.54
CA GLU A 49 2.17 16.05 0.34
C GLU A 49 3.20 14.95 0.12
N ARG A 50 3.82 14.50 1.22
CA ARG A 50 4.84 13.45 1.15
C ARG A 50 4.20 12.09 0.93
N GLU A 51 4.75 11.34 -0.04
CA GLU A 51 4.24 10.01 -0.35
C GLU A 51 5.20 8.95 0.22
N HIS A 52 4.67 8.15 1.16
CA HIS A 52 5.46 7.08 1.81
C HIS A 52 5.05 5.71 1.27
N GLU A 53 5.76 4.68 1.73
CA GLU A 53 5.49 3.30 1.27
C GLU A 53 5.68 2.27 2.39
N HIS A 54 5.22 1.03 2.11
CA HIS A 54 5.27 -0.10 3.05
C HIS A 54 4.63 0.22 4.41
N ARG A 55 4.26 -0.84 5.15
CA ARG A 55 3.64 -0.70 6.46
C ARG A 55 4.64 -0.20 7.50
N ASP A 56 4.16 0.64 8.42
CA ASP A 56 5.01 1.20 9.49
C ASP A 56 5.13 0.22 10.65
N GLY A 1 14.48 23.55 -6.57
CA GLY A 1 14.74 22.35 -5.75
C GLY A 1 14.93 21.13 -6.65
N LEU A 2 15.94 20.31 -6.35
CA LEU A 2 16.23 19.12 -7.14
C LEU A 2 15.94 17.86 -6.29
N GLY A 3 15.14 16.95 -6.87
CA GLY A 3 14.75 15.71 -6.18
C GLY A 3 13.36 15.82 -5.52
N PHE A 4 12.88 17.06 -5.36
CA PHE A 4 11.54 17.31 -4.77
C PHE A 4 11.37 16.58 -3.41
N ALA A 5 12.51 16.31 -2.73
CA ALA A 5 12.48 15.65 -1.42
C ALA A 5 11.59 14.40 -1.45
N LEU A 6 11.41 13.78 -0.28
CA LEU A 6 10.60 12.57 -0.17
C LEU A 6 9.89 12.52 1.18
N ALA A 7 8.70 11.90 1.20
CA ALA A 7 7.90 11.79 2.42
C ALA A 7 7.05 10.52 2.42
N LYS A 8 6.77 10.01 3.62
CA LYS A 8 5.96 8.80 3.78
C LYS A 8 4.49 9.09 3.45
N ILE A 9 3.87 8.20 2.67
CA ILE A 9 2.47 8.34 2.27
C ILE A 9 1.53 7.75 3.34
N ASP A 10 0.23 7.66 3.02
CA ASP A 10 -0.78 7.13 3.94
C ASP A 10 -0.53 5.63 4.22
N PRO A 11 -1.01 5.10 5.36
CA PRO A 11 -0.81 3.65 5.73
C PRO A 11 -1.72 2.69 4.95
N GLU A 12 -2.62 3.27 4.12
CA GLU A 12 -3.60 2.47 3.36
C GLU A 12 -2.87 1.46 2.49
N LEU A 13 -1.77 1.91 1.90
CA LEU A 13 -0.93 1.04 1.09
C LEU A 13 -0.01 0.18 1.95
N LYS A 14 0.10 0.51 3.25
CA LYS A 14 0.94 -0.26 4.14
C LYS A 14 0.41 -1.68 4.21
N GLN A 15 -0.82 -1.81 4.67
CA GLN A 15 -1.48 -3.10 4.77
C GLN A 15 -1.72 -3.72 3.40
N CYS A 16 -2.13 -2.89 2.42
CA CYS A 16 -2.44 -3.38 1.07
C CYS A 16 -1.18 -3.87 0.33
N LYS A 17 -0.18 -3.01 0.23
CA LYS A 17 1.10 -3.34 -0.44
C LYS A 17 1.85 -4.44 0.30
N HIS A 18 1.82 -4.41 1.64
CA HIS A 18 2.57 -5.40 2.43
C HIS A 18 2.09 -6.82 2.10
N GLN A 19 0.76 -7.02 2.05
CA GLN A 19 0.22 -8.34 1.75
C GLN A 19 0.62 -8.81 0.35
N CYS A 20 0.45 -7.92 -0.64
CA CYS A 20 0.74 -8.24 -2.04
C CYS A 20 2.24 -8.37 -2.34
N LYS A 21 3.00 -7.43 -1.79
CA LYS A 21 4.44 -7.37 -1.98
C LYS A 21 5.13 -8.56 -1.30
N VAL A 22 4.68 -8.86 -0.08
CA VAL A 22 5.24 -9.98 0.70
C VAL A 22 4.94 -11.33 0.03
N GLN A 23 3.74 -11.44 -0.55
CA GLN A 23 3.31 -12.68 -1.21
C GLN A 23 4.07 -12.87 -2.53
N ARG A 24 5.23 -13.52 -2.44
CA ARG A 24 6.06 -13.80 -3.61
C ARG A 24 5.33 -14.73 -4.58
N GLN A 25 4.57 -15.67 -4.04
CA GLN A 25 3.85 -16.67 -4.84
C GLN A 25 2.85 -16.03 -5.82
N TYR A 26 2.56 -14.73 -5.65
CA TYR A 26 1.62 -14.03 -6.54
C TYR A 26 2.25 -13.78 -7.90
N ASP A 27 1.43 -13.95 -8.95
CA ASP A 27 1.88 -13.73 -10.33
C ASP A 27 2.19 -12.27 -10.57
N GLU A 28 3.10 -12.00 -11.51
CA GLU A 28 3.50 -10.62 -11.83
C GLU A 28 2.30 -9.79 -12.25
N GLN A 29 1.43 -10.40 -13.05
CA GLN A 29 0.23 -9.73 -13.51
C GLN A 29 -0.70 -9.42 -12.33
N GLN A 30 -0.75 -10.35 -11.39
CA GLN A 30 -1.56 -10.20 -10.19
C GLN A 30 -1.01 -9.09 -9.30
N LYS A 31 0.31 -9.01 -9.22
CA LYS A 31 0.99 -8.02 -8.39
C LYS A 31 0.64 -6.61 -8.87
N GLU A 32 0.61 -6.43 -10.18
CA GLU A 32 0.24 -5.15 -10.78
C GLU A 32 -1.21 -4.80 -10.44
N GLN A 33 -2.08 -5.82 -10.47
CA GLN A 33 -3.50 -5.65 -10.18
C GLN A 33 -3.71 -5.17 -8.74
N CYS A 34 -2.95 -5.75 -7.80
CA CYS A 34 -3.09 -5.39 -6.38
C CYS A 34 -2.78 -3.92 -6.16
N VAL A 35 -1.65 -3.46 -6.69
CA VAL A 35 -1.25 -2.06 -6.59
C VAL A 35 -2.32 -1.17 -7.21
N LYS A 36 -2.89 -1.60 -8.34
CA LYS A 36 -3.90 -0.80 -9.03
C LYS A 36 -5.07 -0.52 -8.07
N GLU A 37 -5.55 -1.57 -7.38
CA GLU A 37 -6.66 -1.43 -6.42
C GLU A 37 -6.22 -0.70 -5.15
N CYS A 38 -5.06 -1.10 -4.62
CA CYS A 38 -4.53 -0.56 -3.37
C CYS A 38 -4.25 0.94 -3.52
N GLU A 39 -3.63 1.28 -4.64
CA GLU A 39 -3.29 2.63 -4.97
C GLU A 39 -4.55 3.45 -5.14
N LYS A 40 -5.60 2.83 -5.73
CA LYS A 40 -6.88 3.49 -5.93
C LYS A 40 -7.49 3.93 -4.60
N TYR A 41 -7.32 3.10 -3.55
CA TYR A 41 -7.86 3.47 -2.23
C TYR A 41 -7.22 4.78 -1.78
N TYR A 42 -5.89 4.86 -1.94
CA TYR A 42 -5.14 6.08 -1.63
C TYR A 42 -5.58 7.24 -2.56
N LYS A 43 -5.65 6.95 -3.86
CA LYS A 43 -5.95 7.97 -4.88
C LYS A 43 -7.29 8.62 -4.63
N GLU A 44 -8.30 7.79 -4.44
CA GLU A 44 -9.66 8.25 -4.19
C GLU A 44 -9.78 8.88 -2.77
N LYS A 45 -9.19 8.21 -1.77
CA LYS A 45 -9.29 8.66 -0.37
C LYS A 45 -8.61 10.01 -0.14
N LYS A 46 -7.40 10.17 -0.68
CA LYS A 46 -6.61 11.39 -0.51
C LYS A 46 -6.47 11.73 0.99
N GLY A 47 -5.74 12.82 1.28
CA GLY A 47 -5.53 13.27 2.65
C GLY A 47 -4.43 12.49 3.35
N ARG A 48 -4.15 12.84 4.62
CA ARG A 48 -3.13 12.17 5.41
C ARG A 48 -3.20 12.62 6.89
N GLU A 49 -4.16 12.07 7.63
CA GLU A 49 -4.33 12.41 9.05
C GLU A 49 -3.94 11.24 9.94
N ARG A 50 -3.05 11.53 10.93
CA ARG A 50 -2.53 10.53 11.92
C ARG A 50 -2.69 9.05 11.47
N GLU A 51 -3.88 8.46 11.72
CA GLU A 51 -4.14 7.06 11.36
C GLU A 51 -3.26 6.11 12.18
N HIS A 52 -3.63 4.83 12.22
CA HIS A 52 -2.87 3.83 12.99
C HIS A 52 -2.97 2.44 12.34
N GLU A 53 -1.90 1.65 12.49
CA GLU A 53 -1.83 0.30 11.91
C GLU A 53 -1.03 -0.64 12.81
N HIS A 54 -1.27 -1.96 12.66
CA HIS A 54 -0.57 -2.96 13.48
C HIS A 54 -0.16 -4.18 12.64
N ARG A 55 1.16 -4.34 12.45
CA ARG A 55 1.72 -5.49 11.74
C ARG A 55 2.74 -6.22 12.61
N ASP A 56 2.79 -7.55 12.46
CA ASP A 56 3.71 -8.38 13.23
C ASP A 56 4.93 -8.76 12.38
N GLY A 1 11.63 19.11 -6.22
CA GLY A 1 12.61 18.05 -5.91
C GLY A 1 13.21 17.51 -7.20
N LEU A 2 12.33 17.17 -8.15
CA LEU A 2 12.76 16.62 -9.45
C LEU A 2 13.48 15.27 -9.28
N GLY A 3 13.10 14.54 -8.22
CA GLY A 3 13.69 13.22 -7.95
C GLY A 3 12.76 12.09 -8.44
N PHE A 4 12.10 12.34 -9.57
CA PHE A 4 11.15 11.37 -10.15
C PHE A 4 9.95 11.11 -9.23
N ALA A 5 9.72 12.03 -8.27
CA ALA A 5 8.59 11.92 -7.35
C ALA A 5 8.36 13.25 -6.63
N LEU A 6 7.12 13.76 -6.72
CA LEU A 6 6.77 15.03 -6.06
C LEU A 6 6.93 14.92 -4.55
N ALA A 7 6.42 13.81 -3.98
CA ALA A 7 6.50 13.55 -2.54
C ALA A 7 6.36 12.06 -2.25
N LYS A 8 6.91 11.64 -1.11
CA LYS A 8 6.84 10.24 -0.70
C LYS A 8 5.39 9.84 -0.43
N ILE A 9 4.98 8.71 -1.00
CA ILE A 9 3.61 8.21 -0.83
C ILE A 9 3.31 7.94 0.66
N ASP A 10 2.02 7.87 0.99
CA ASP A 10 1.58 7.61 2.36
C ASP A 10 1.97 6.18 2.80
N PRO A 11 2.21 5.94 4.11
CA PRO A 11 2.61 4.59 4.64
C PRO A 11 1.47 3.57 4.53
N GLU A 12 0.23 4.07 4.41
CA GLU A 12 -0.94 3.23 4.33
C GLU A 12 -0.79 2.16 3.22
N LEU A 13 -0.04 2.52 2.17
CA LEU A 13 0.24 1.58 1.09
C LEU A 13 1.05 0.41 1.60
N LYS A 14 1.94 0.65 2.57
CA LYS A 14 2.82 -0.40 3.07
C LYS A 14 2.03 -1.55 3.65
N GLN A 15 0.96 -1.22 4.39
CA GLN A 15 0.11 -2.23 5.00
C GLN A 15 -0.60 -3.11 3.94
N CYS A 16 -1.23 -2.44 2.95
CA CYS A 16 -1.95 -3.17 1.89
C CYS A 16 -0.94 -3.89 0.97
N LYS A 17 0.16 -3.18 0.67
CA LYS A 17 1.23 -3.71 -0.16
C LYS A 17 1.87 -4.93 0.48
N HIS A 18 2.03 -4.87 1.81
CA HIS A 18 2.66 -5.96 2.55
C HIS A 18 1.89 -7.25 2.31
N GLN A 19 0.56 -7.15 2.42
CA GLN A 19 -0.28 -8.33 2.23
C GLN A 19 -0.14 -8.91 0.81
N CYS A 20 -0.11 -8.04 -0.24
CA CYS A 20 -0.03 -8.55 -1.61
C CYS A 20 1.35 -9.01 -2.01
N LYS A 21 2.39 -8.35 -1.50
CA LYS A 21 3.76 -8.75 -1.80
C LYS A 21 4.12 -10.09 -1.12
N VAL A 22 3.42 -10.38 0.00
CA VAL A 22 3.64 -11.63 0.75
C VAL A 22 3.06 -12.83 0.00
N GLN A 23 1.90 -12.63 -0.62
CA GLN A 23 1.25 -13.72 -1.38
C GLN A 23 2.00 -14.01 -2.68
N ARG A 24 2.87 -15.02 -2.65
CA ARG A 24 3.67 -15.42 -3.81
C ARG A 24 2.83 -16.06 -4.93
N GLN A 25 1.54 -16.35 -4.63
CA GLN A 25 0.64 -16.99 -5.59
C GLN A 25 0.47 -16.12 -6.84
N TYR A 26 0.39 -14.81 -6.64
CA TYR A 26 0.21 -13.87 -7.76
C TYR A 26 1.50 -13.69 -8.56
N ASP A 27 1.35 -13.53 -9.88
CA ASP A 27 2.47 -13.34 -10.79
C ASP A 27 2.81 -11.86 -10.90
N GLU A 28 3.76 -11.51 -11.79
CA GLU A 28 4.19 -10.12 -11.95
C GLU A 28 3.04 -9.21 -12.35
N GLN A 29 2.20 -9.70 -13.27
CA GLN A 29 1.06 -8.92 -13.76
C GLN A 29 0.05 -8.67 -12.65
N GLN A 30 -0.23 -9.71 -11.86
CA GLN A 30 -1.15 -9.61 -10.71
C GLN A 30 -0.57 -8.74 -9.60
N LYS A 31 0.74 -8.85 -9.39
CA LYS A 31 1.44 -8.08 -8.36
C LYS A 31 1.28 -6.58 -8.65
N GLU A 32 1.40 -6.22 -9.94
CA GLU A 32 1.19 -4.84 -10.37
C GLU A 32 -0.24 -4.42 -10.07
N GLN A 33 -1.18 -5.35 -10.28
CA GLN A 33 -2.60 -5.10 -10.03
C GLN A 33 -2.86 -4.85 -8.54
N CYS A 34 -2.16 -5.60 -7.66
CA CYS A 34 -2.39 -5.43 -6.20
C CYS A 34 -2.10 -4.00 -5.79
N VAL A 35 -1.03 -3.44 -6.37
CA VAL A 35 -0.66 -2.06 -6.11
C VAL A 35 -1.81 -1.16 -6.57
N LYS A 36 -2.33 -1.43 -7.76
CA LYS A 36 -3.41 -0.62 -8.32
C LYS A 36 -4.63 -0.64 -7.40
N GLU A 37 -5.01 -1.84 -6.95
CA GLU A 37 -6.18 -1.99 -6.08
C GLU A 37 -5.97 -1.30 -4.71
N CYS A 38 -4.81 -1.56 -4.09
CA CYS A 38 -4.49 -0.98 -2.78
C CYS A 38 -4.34 0.53 -2.87
N GLU A 39 -3.62 0.96 -3.90
CA GLU A 39 -3.33 2.35 -4.11
C GLU A 39 -4.61 3.10 -4.44
N LYS A 40 -5.50 2.46 -5.21
CA LYS A 40 -6.77 3.07 -5.58
C LYS A 40 -7.64 3.36 -4.34
N TYR A 41 -7.64 2.42 -3.37
CA TYR A 41 -8.46 2.60 -2.15
C TYR A 41 -8.02 3.86 -1.43
N TYR A 42 -6.70 4.01 -1.29
CA TYR A 42 -6.14 5.18 -0.61
C TYR A 42 -6.24 6.44 -1.48
N LYS A 43 -6.09 6.27 -2.79
CA LYS A 43 -6.19 7.37 -3.75
C LYS A 43 -7.56 8.00 -3.67
N GLU A 44 -8.58 7.15 -3.66
CA GLU A 44 -9.95 7.59 -3.55
C GLU A 44 -10.19 8.33 -2.23
N LYS A 45 -9.64 7.77 -1.15
CA LYS A 45 -9.78 8.35 0.20
C LYS A 45 -9.12 9.73 0.28
N LYS A 46 -7.94 9.86 -0.35
CA LYS A 46 -7.19 11.12 -0.33
C LYS A 46 -6.84 11.51 1.12
N GLY A 47 -6.32 10.53 1.87
CA GLY A 47 -5.94 10.75 3.26
C GLY A 47 -5.04 9.62 3.77
N ARG A 48 -5.02 9.42 5.10
CA ARG A 48 -4.19 8.39 5.71
C ARG A 48 -4.93 7.72 6.88
N GLU A 49 -4.41 6.57 7.32
CA GLU A 49 -5.03 5.81 8.42
C GLU A 49 -4.01 5.44 9.48
N ARG A 50 -4.52 5.15 10.68
CA ARG A 50 -3.69 4.79 11.81
C ARG A 50 -4.44 3.85 12.76
N GLU A 51 -3.68 3.21 13.65
CA GLU A 51 -4.23 2.27 14.64
C GLU A 51 -4.72 0.96 13.94
N HIS A 52 -6.04 0.64 13.99
CA HIS A 52 -6.58 -0.57 13.36
C HIS A 52 -5.97 -1.83 13.96
N GLU A 53 -6.72 -2.94 13.87
CA GLU A 53 -6.25 -4.24 14.43
C GLU A 53 -5.41 -5.04 13.40
N HIS A 54 -5.33 -4.54 12.16
CA HIS A 54 -4.57 -5.21 11.10
C HIS A 54 -3.07 -4.95 11.27
N ARG A 55 -2.25 -5.70 10.51
CA ARG A 55 -0.79 -5.56 10.58
C ARG A 55 -0.37 -4.10 10.45
N ASP A 56 0.62 -3.70 11.25
CA ASP A 56 1.14 -2.33 11.24
C ASP A 56 1.86 -2.02 9.93
N GLY A 1 8.22 18.10 -8.00
CA GLY A 1 8.16 17.25 -9.23
C GLY A 1 9.03 17.85 -10.32
N LEU A 2 10.30 18.10 -9.97
CA LEU A 2 11.26 18.69 -10.91
C LEU A 2 12.28 17.66 -11.37
N GLY A 3 12.57 17.65 -12.67
CA GLY A 3 13.54 16.73 -13.25
C GLY A 3 13.15 15.28 -13.01
N PHE A 4 14.12 14.48 -12.53
CA PHE A 4 13.90 13.05 -12.26
C PHE A 4 14.14 12.72 -10.78
N ALA A 5 13.70 13.64 -9.90
CA ALA A 5 13.86 13.46 -8.45
C ALA A 5 13.21 12.15 -8.00
N LEU A 6 13.76 11.56 -6.94
CA LEU A 6 13.27 10.29 -6.42
C LEU A 6 11.78 10.39 -6.07
N ALA A 7 10.98 9.47 -6.63
CA ALA A 7 9.54 9.44 -6.41
C ALA A 7 9.21 9.01 -4.98
N LYS A 8 8.12 9.55 -4.45
CA LYS A 8 7.65 9.21 -3.09
C LYS A 8 6.29 8.56 -3.12
N ILE A 9 6.01 7.74 -2.10
CA ILE A 9 4.73 7.06 -1.98
C ILE A 9 4.22 7.08 -0.54
N ASP A 10 2.89 7.05 -0.40
CA ASP A 10 2.24 7.02 0.90
C ASP A 10 2.44 5.65 1.59
N PRO A 11 2.45 5.58 2.93
CA PRO A 11 2.65 4.29 3.68
C PRO A 11 1.45 3.35 3.56
N GLU A 12 0.28 3.92 3.27
CA GLU A 12 -0.96 3.14 3.14
C GLU A 12 -0.80 2.00 2.13
N LEU A 13 0.01 2.25 1.09
CA LEU A 13 0.26 1.21 0.09
C LEU A 13 0.95 0.03 0.71
N LYS A 14 1.86 0.29 1.66
CA LYS A 14 2.58 -0.78 2.32
C LYS A 14 1.60 -1.73 3.00
N GLN A 15 0.53 -1.17 3.56
CA GLN A 15 -0.49 -1.96 4.25
C GLN A 15 -1.10 -2.99 3.28
N CYS A 16 -1.56 -2.53 2.08
CA CYS A 16 -2.10 -3.48 1.09
C CYS A 16 -1.00 -4.31 0.41
N LYS A 17 0.21 -3.73 0.28
CA LYS A 17 1.34 -4.47 -0.31
C LYS A 17 1.60 -5.72 0.50
N HIS A 18 1.47 -5.58 1.82
CA HIS A 18 1.56 -6.70 2.72
C HIS A 18 0.46 -7.69 2.37
N GLN A 19 -0.77 -7.15 2.12
CA GLN A 19 -1.92 -8.00 1.81
C GLN A 19 -1.75 -8.80 0.49
N CYS A 20 -1.21 -8.17 -0.57
CA CYS A 20 -1.00 -8.87 -1.86
C CYS A 20 0.11 -9.88 -1.72
N LYS A 21 1.20 -9.41 -1.14
CA LYS A 21 2.38 -10.20 -0.92
C LYS A 21 2.09 -11.40 -0.01
N VAL A 22 1.26 -11.19 1.01
CA VAL A 22 0.96 -12.25 1.99
C VAL A 22 -0.05 -13.29 1.45
N GLN A 23 -1.00 -12.84 0.62
CA GLN A 23 -2.02 -13.74 0.06
C GLN A 23 -1.36 -14.74 -0.92
N ARG A 24 -2.19 -15.42 -1.75
CA ARG A 24 -1.68 -16.38 -2.73
C ARG A 24 -0.56 -15.73 -3.57
N GLN A 25 0.47 -16.52 -3.89
CA GLN A 25 1.63 -16.01 -4.63
C GLN A 25 1.19 -15.29 -5.90
N TYR A 26 1.78 -14.12 -6.15
CA TYR A 26 1.44 -13.31 -7.33
C TYR A 26 2.69 -12.98 -8.15
N ASP A 27 2.49 -12.92 -9.47
CA ASP A 27 3.56 -12.58 -10.40
C ASP A 27 3.86 -11.10 -10.32
N GLU A 28 4.92 -10.66 -11.02
CA GLU A 28 5.30 -9.25 -11.03
C GLU A 28 4.15 -8.39 -11.57
N GLN A 29 3.50 -8.88 -12.62
CA GLN A 29 2.37 -8.20 -13.24
C GLN A 29 1.16 -8.20 -12.29
N GLN A 30 0.96 -9.34 -11.63
CA GLN A 30 -0.15 -9.50 -10.68
C GLN A 30 0.02 -8.58 -9.47
N LYS A 31 1.27 -8.43 -9.01
CA LYS A 31 1.57 -7.56 -7.87
C LYS A 31 1.18 -6.13 -8.19
N GLU A 32 1.45 -5.71 -9.44
CA GLU A 32 1.07 -4.38 -9.90
C GLU A 32 -0.45 -4.22 -9.84
N GLN A 33 -1.18 -5.30 -10.18
CA GLN A 33 -2.64 -5.29 -10.16
C GLN A 33 -3.14 -5.00 -8.73
N CYS A 34 -2.48 -5.61 -7.73
CA CYS A 34 -2.86 -5.40 -6.32
C CYS A 34 -2.77 -3.92 -5.98
N VAL A 35 -1.67 -3.32 -6.41
CA VAL A 35 -1.41 -1.90 -6.20
C VAL A 35 -2.48 -1.07 -6.90
N LYS A 36 -2.86 -1.46 -8.12
CA LYS A 36 -3.83 -0.68 -8.88
C LYS A 36 -5.15 -0.55 -8.11
N GLU A 37 -5.66 -1.69 -7.60
CA GLU A 37 -6.90 -1.66 -6.81
C GLU A 37 -6.71 -1.04 -5.43
N CYS A 38 -5.63 -1.44 -4.74
CA CYS A 38 -5.37 -0.94 -3.38
C CYS A 38 -5.03 0.53 -3.35
N GLU A 39 -4.25 0.98 -4.32
CA GLU A 39 -3.87 2.37 -4.41
C GLU A 39 -5.13 3.20 -4.61
N LYS A 40 -6.08 2.67 -5.42
CA LYS A 40 -7.35 3.35 -5.66
C LYS A 40 -8.13 3.55 -4.36
N TYR A 41 -8.14 2.53 -3.47
CA TYR A 41 -8.89 2.65 -2.20
C TYR A 41 -8.37 3.85 -1.42
N TYR A 42 -7.05 3.96 -1.37
CA TYR A 42 -6.39 5.04 -0.66
C TYR A 42 -6.56 6.37 -1.40
N LYS A 43 -6.50 6.31 -2.75
CA LYS A 43 -6.66 7.50 -3.59
C LYS A 43 -8.05 8.11 -3.41
N GLU A 44 -9.05 7.24 -3.38
CA GLU A 44 -10.43 7.66 -3.27
C GLU A 44 -10.68 8.41 -1.96
N LYS A 45 -10.22 7.82 -0.86
CA LYS A 45 -10.48 8.39 0.46
C LYS A 45 -9.70 9.71 0.68
N LYS A 46 -8.54 9.84 0.01
CA LYS A 46 -7.70 11.03 0.15
C LYS A 46 -7.42 11.31 1.64
N GLY A 47 -6.55 10.48 2.23
CA GLY A 47 -6.20 10.61 3.66
C GLY A 47 -7.45 10.46 4.53
N ARG A 48 -7.64 11.41 5.45
CA ARG A 48 -8.79 11.40 6.36
C ARG A 48 -8.83 10.12 7.22
N GLU A 49 -7.67 9.46 7.40
CA GLU A 49 -7.60 8.23 8.19
C GLU A 49 -6.17 7.95 8.65
N ARG A 50 -6.05 7.43 9.88
CA ARG A 50 -4.74 7.09 10.44
C ARG A 50 -4.51 5.58 10.33
N GLU A 51 -3.32 5.21 9.84
CA GLU A 51 -2.97 3.79 9.66
C GLU A 51 -1.51 3.54 10.05
N HIS A 52 -1.26 2.37 10.67
CA HIS A 52 0.09 2.00 11.08
C HIS A 52 0.97 1.71 9.87
N GLU A 53 2.26 2.07 9.98
CA GLU A 53 3.21 1.88 8.88
C GLU A 53 3.37 0.39 8.56
N HIS A 54 3.45 -0.45 9.59
CA HIS A 54 3.64 -1.90 9.41
C HIS A 54 2.71 -2.70 10.32
N ARG A 55 2.44 -3.95 9.91
CA ARG A 55 1.58 -4.85 10.68
C ARG A 55 2.26 -5.27 11.98
N ASP A 56 1.52 -5.18 13.09
CA ASP A 56 2.05 -5.54 14.41
C ASP A 56 0.91 -5.76 15.41
N GLY A 1 15.26 17.65 -0.69
CA GLY A 1 14.92 17.74 0.76
C GLY A 1 13.44 17.40 0.96
N LEU A 2 13.06 16.17 0.55
CA LEU A 2 11.68 15.72 0.69
C LEU A 2 11.25 15.68 2.15
N GLY A 3 12.15 15.20 3.01
CA GLY A 3 11.88 15.11 4.45
C GLY A 3 10.95 13.94 4.75
N PHE A 4 11.35 13.11 5.73
CA PHE A 4 10.54 11.95 6.13
C PHE A 4 10.18 12.03 7.61
N ALA A 5 8.86 12.06 7.88
CA ALA A 5 8.38 12.12 9.26
C ALA A 5 6.92 11.65 9.34
N LEU A 6 6.51 11.20 10.53
CA LEU A 6 5.14 10.72 10.74
C LEU A 6 4.81 9.59 9.75
N ALA A 7 5.51 8.46 9.90
CA ALA A 7 5.33 7.31 9.02
C ALA A 7 4.02 6.56 9.35
N LYS A 8 2.89 7.22 9.04
CA LYS A 8 1.57 6.62 9.30
C LYS A 8 0.59 7.02 8.20
N ILE A 9 -0.07 6.01 7.62
CA ILE A 9 -1.07 6.24 6.56
C ILE A 9 -2.35 5.46 6.89
N ASP A 10 -3.31 5.48 5.96
CA ASP A 10 -4.56 4.76 6.16
C ASP A 10 -4.28 3.23 6.31
N PRO A 11 -4.95 2.52 7.23
CA PRO A 11 -4.72 1.04 7.45
C PRO A 11 -5.23 0.21 6.26
N GLU A 12 -6.15 0.80 5.49
CA GLU A 12 -6.76 0.13 4.35
C GLU A 12 -5.70 -0.38 3.38
N LEU A 13 -4.62 0.41 3.22
CA LEU A 13 -3.47 -0.03 2.39
C LEU A 13 -2.51 -0.90 3.19
N LYS A 14 -2.55 -0.77 4.53
CA LYS A 14 -1.64 -1.53 5.38
C LYS A 14 -1.88 -3.02 5.19
N GLN A 15 -3.12 -3.44 5.31
CA GLN A 15 -3.51 -4.83 5.10
C GLN A 15 -3.50 -5.20 3.61
N CYS A 16 -4.05 -4.31 2.79
CA CYS A 16 -4.17 -4.53 1.35
C CYS A 16 -2.80 -4.66 0.63
N LYS A 17 -1.93 -3.68 0.85
CA LYS A 17 -0.62 -3.66 0.19
C LYS A 17 0.33 -4.69 0.77
N HIS A 18 0.37 -4.80 2.11
CA HIS A 18 1.30 -5.73 2.75
C HIS A 18 1.02 -7.14 2.32
N GLN A 19 -0.26 -7.52 2.26
CA GLN A 19 -0.62 -8.87 1.85
C GLN A 19 -0.24 -9.15 0.38
N CYS A 20 -0.48 -8.18 -0.49
CA CYS A 20 -0.18 -8.34 -1.92
C CYS A 20 1.31 -8.43 -2.20
N LYS A 21 2.08 -7.59 -1.53
CA LYS A 21 3.52 -7.50 -1.74
C LYS A 21 4.32 -8.52 -0.89
N VAL A 22 3.94 -8.66 0.38
CA VAL A 22 4.69 -9.53 1.34
C VAL A 22 4.50 -11.03 1.02
N GLN A 23 3.30 -11.43 0.59
CA GLN A 23 3.00 -12.84 0.35
C GLN A 23 3.92 -13.47 -0.70
N ARG A 24 4.21 -12.73 -1.78
CA ARG A 24 5.12 -13.21 -2.86
C ARG A 24 4.46 -14.29 -3.75
N GLN A 25 3.34 -14.88 -3.29
CA GLN A 25 2.63 -15.90 -4.07
C GLN A 25 2.10 -15.32 -5.38
N TYR A 26 1.74 -14.04 -5.37
CA TYR A 26 1.21 -13.39 -6.57
C TYR A 26 2.33 -13.14 -7.57
N ASP A 27 2.01 -13.30 -8.86
CA ASP A 27 2.97 -13.05 -9.93
C ASP A 27 3.33 -11.59 -9.95
N GLU A 28 4.39 -11.24 -10.69
CA GLU A 28 4.82 -9.83 -10.79
C GLU A 28 3.72 -8.97 -11.38
N GLN A 29 3.06 -9.50 -12.40
CA GLN A 29 1.97 -8.79 -13.06
C GLN A 29 0.74 -8.70 -12.16
N GLN A 30 0.43 -9.80 -11.44
CA GLN A 30 -0.73 -9.84 -10.55
C GLN A 30 -0.54 -8.92 -9.33
N LYS A 31 0.67 -8.91 -8.76
CA LYS A 31 0.95 -8.05 -7.60
C LYS A 31 0.90 -6.57 -7.98
N GLU A 32 1.30 -6.28 -9.23
CA GLU A 32 1.24 -4.92 -9.75
C GLU A 32 -0.22 -4.45 -9.81
N GLN A 33 -1.11 -5.38 -10.22
CA GLN A 33 -2.53 -5.10 -10.31
C GLN A 33 -3.11 -4.77 -8.94
N CYS A 34 -2.67 -5.50 -7.90
CA CYS A 34 -3.16 -5.24 -6.54
C CYS A 34 -2.79 -3.83 -6.13
N VAL A 35 -1.52 -3.48 -6.31
CA VAL A 35 -1.03 -2.15 -5.99
C VAL A 35 -1.77 -1.11 -6.81
N LYS A 36 -2.03 -1.41 -8.08
CA LYS A 36 -2.71 -0.44 -8.95
C LYS A 36 -4.09 -0.09 -8.36
N GLU A 37 -4.88 -1.11 -8.02
CA GLU A 37 -6.22 -0.88 -7.44
C GLU A 37 -6.16 -0.35 -6.00
N CYS A 38 -5.25 -0.90 -5.23
CA CYS A 38 -5.08 -0.56 -3.82
C CYS A 38 -4.59 0.86 -3.66
N GLU A 39 -3.57 1.17 -4.43
CA GLU A 39 -2.97 2.48 -4.41
C GLU A 39 -4.01 3.50 -4.86
N LYS A 40 -4.87 3.10 -5.82
CA LYS A 40 -5.93 3.98 -6.30
C LYS A 40 -6.85 4.40 -5.17
N TYR A 41 -7.14 3.47 -4.21
CA TYR A 41 -8.01 3.84 -3.08
C TYR A 41 -7.37 4.99 -2.32
N TYR A 42 -6.07 4.85 -2.04
CA TYR A 42 -5.31 5.91 -1.35
C TYR A 42 -5.28 7.20 -2.20
N LYS A 43 -5.01 7.01 -3.49
CA LYS A 43 -4.89 8.11 -4.45
C LYS A 43 -6.19 8.91 -4.55
N GLU A 44 -7.30 8.19 -4.55
CA GLU A 44 -8.62 8.80 -4.62
C GLU A 44 -8.82 9.75 -3.45
N LYS A 45 -8.40 9.31 -2.25
CA LYS A 45 -8.51 10.13 -1.05
C LYS A 45 -7.71 11.43 -1.22
N LYS A 46 -6.52 11.30 -1.84
CA LYS A 46 -5.63 12.44 -2.08
C LYS A 46 -5.12 13.03 -0.77
N GLY A 47 -4.12 13.91 -0.87
CA GLY A 47 -3.51 14.54 0.31
C GLY A 47 -2.02 14.72 0.11
N ARG A 48 -1.27 14.61 1.21
CA ARG A 48 0.19 14.75 1.17
C ARG A 48 0.86 13.71 0.25
N GLU A 49 0.13 12.60 0.00
CA GLU A 49 0.62 11.55 -0.90
C GLU A 49 1.98 10.98 -0.45
N ARG A 50 1.93 10.09 0.55
CA ARG A 50 3.15 9.46 1.08
C ARG A 50 2.92 7.96 1.32
N GLU A 51 4.00 7.17 1.25
CA GLU A 51 3.89 5.72 1.45
C GLU A 51 4.14 5.32 2.91
N HIS A 52 5.38 5.53 3.39
CA HIS A 52 5.75 5.17 4.78
C HIS A 52 5.20 3.77 5.18
N GLU A 53 5.22 3.46 6.49
CA GLU A 53 4.73 2.17 7.00
C GLU A 53 5.56 1.01 6.46
N HIS A 54 5.84 0.05 7.34
CA HIS A 54 6.64 -1.12 6.98
C HIS A 54 6.24 -2.32 7.85
N ARG A 55 6.14 -3.50 7.22
CA ARG A 55 5.75 -4.71 7.94
C ARG A 55 6.99 -5.39 8.56
N ASP A 56 6.91 -5.66 9.87
CA ASP A 56 8.01 -6.30 10.58
C ASP A 56 7.48 -7.14 11.74
N GLY A 1 21.26 4.59 12.69
CA GLY A 1 21.33 3.33 13.48
C GLY A 1 20.35 2.31 12.93
N LEU A 2 19.22 2.14 13.63
CA LEU A 2 18.18 1.19 13.21
C LEU A 2 17.58 1.61 11.87
N GLY A 3 17.39 2.92 11.69
CA GLY A 3 16.83 3.46 10.46
C GLY A 3 15.31 3.49 10.50
N PHE A 4 14.70 4.24 9.59
CA PHE A 4 13.23 4.35 9.50
C PHE A 4 12.71 4.23 8.06
N ALA A 5 13.60 3.86 7.12
CA ALA A 5 13.23 3.65 5.72
C ALA A 5 12.40 4.81 5.15
N LEU A 6 13.11 5.81 4.59
CA LEU A 6 12.45 6.97 3.97
C LEU A 6 12.47 6.82 2.46
N ALA A 7 11.28 6.61 1.88
CA ALA A 7 11.14 6.45 0.43
C ALA A 7 9.71 6.69 -0.01
N LYS A 8 9.52 6.85 -1.33
CA LYS A 8 8.18 7.07 -1.90
C LYS A 8 7.20 5.97 -1.45
N ILE A 9 5.98 6.03 -1.97
CA ILE A 9 4.93 5.05 -1.63
C ILE A 9 4.33 5.36 -0.24
N ASP A 10 3.00 5.51 -0.19
CA ASP A 10 2.29 5.83 1.05
C ASP A 10 2.32 4.62 2.03
N PRO A 11 2.26 4.85 3.36
CA PRO A 11 2.31 3.75 4.39
C PRO A 11 1.07 2.84 4.31
N GLU A 12 -0.05 3.42 3.88
CA GLU A 12 -1.32 2.67 3.75
C GLU A 12 -1.21 1.57 2.69
N LEU A 13 -0.41 1.85 1.65
CA LEU A 13 -0.18 0.86 0.60
C LEU A 13 0.56 -0.34 1.14
N LYS A 14 1.36 -0.14 2.19
CA LYS A 14 2.10 -1.24 2.79
C LYS A 14 1.12 -2.28 3.31
N GLN A 15 0.02 -1.80 3.89
CA GLN A 15 -1.00 -2.70 4.44
C GLN A 15 -1.62 -3.58 3.34
N CYS A 16 -2.08 -2.96 2.22
CA CYS A 16 -2.69 -3.74 1.11
C CYS A 16 -1.63 -4.53 0.33
N LYS A 17 -0.48 -3.90 0.12
CA LYS A 17 0.64 -4.52 -0.60
C LYS A 17 1.17 -5.71 0.16
N HIS A 18 1.29 -5.56 1.50
CA HIS A 18 1.80 -6.62 2.35
C HIS A 18 0.93 -7.85 2.24
N GLN A 19 -0.38 -7.64 2.20
CA GLN A 19 -1.32 -8.74 2.08
C GLN A 19 -1.11 -9.49 0.74
N CYS A 20 -0.92 -8.71 -0.35
CA CYS A 20 -0.73 -9.30 -1.68
C CYS A 20 0.61 -9.98 -1.85
N LYS A 21 1.67 -9.36 -1.31
CA LYS A 21 3.00 -9.95 -1.42
C LYS A 21 3.08 -11.27 -0.63
N VAL A 22 2.28 -11.36 0.44
CA VAL A 22 2.19 -12.57 1.26
C VAL A 22 1.46 -13.69 0.50
N GLN A 23 0.44 -13.32 -0.30
CA GLN A 23 -0.35 -14.30 -1.04
C GLN A 23 0.54 -15.12 -1.97
N ARG A 24 0.31 -16.43 -1.98
CA ARG A 24 1.07 -17.37 -2.80
C ARG A 24 0.51 -17.41 -4.22
N GLN A 25 1.35 -17.85 -5.16
CA GLN A 25 0.95 -17.99 -6.56
C GLN A 25 0.52 -16.65 -7.18
N TYR A 26 1.36 -15.61 -6.99
CA TYR A 26 1.11 -14.29 -7.60
C TYR A 26 2.37 -13.83 -8.37
N ASP A 27 2.15 -13.13 -9.47
CA ASP A 27 3.25 -12.65 -10.34
C ASP A 27 3.49 -11.17 -10.14
N GLU A 28 4.57 -10.67 -10.77
CA GLU A 28 4.91 -9.25 -10.72
C GLU A 28 3.79 -8.37 -11.26
N GLN A 29 3.16 -8.85 -12.33
CA GLN A 29 2.04 -8.14 -12.95
C GLN A 29 0.78 -8.17 -12.04
N GLN A 30 0.72 -9.19 -11.17
CA GLN A 30 -0.42 -9.34 -10.25
C GLN A 30 -0.27 -8.44 -9.04
N LYS A 31 0.94 -8.44 -8.43
CA LYS A 31 1.20 -7.56 -7.28
C LYS A 31 1.03 -6.11 -7.66
N GLU A 32 1.44 -5.77 -8.89
CA GLU A 32 1.25 -4.42 -9.41
C GLU A 32 -0.24 -4.12 -9.51
N GLN A 33 -1.01 -5.13 -9.97
CA GLN A 33 -2.46 -4.99 -10.07
C GLN A 33 -3.07 -4.78 -8.68
N CYS A 34 -2.58 -5.54 -7.68
CA CYS A 34 -3.06 -5.42 -6.32
C CYS A 34 -2.79 -4.02 -5.77
N VAL A 35 -1.53 -3.55 -5.90
CA VAL A 35 -1.18 -2.23 -5.40
C VAL A 35 -2.01 -1.20 -6.12
N LYS A 36 -2.12 -1.31 -7.45
CA LYS A 36 -2.84 -0.32 -8.24
C LYS A 36 -4.28 -0.20 -7.77
N GLU A 37 -4.94 -1.35 -7.54
CA GLU A 37 -6.34 -1.35 -7.09
C GLU A 37 -6.50 -0.81 -5.66
N CYS A 38 -5.61 -1.25 -4.74
CA CYS A 38 -5.68 -0.79 -3.35
C CYS A 38 -5.18 0.66 -3.22
N GLU A 39 -4.31 1.07 -4.17
CA GLU A 39 -3.80 2.41 -4.22
C GLU A 39 -4.96 3.34 -4.52
N LYS A 40 -5.86 2.89 -5.43
CA LYS A 40 -7.03 3.67 -5.81
C LYS A 40 -7.94 3.90 -4.62
N TYR A 41 -8.12 2.86 -3.77
CA TYR A 41 -8.99 3.01 -2.60
C TYR A 41 -8.49 4.13 -1.71
N TYR A 42 -7.17 4.14 -1.51
CA TYR A 42 -6.53 5.16 -0.70
C TYR A 42 -6.49 6.52 -1.42
N LYS A 43 -6.30 6.47 -2.75
CA LYS A 43 -6.25 7.69 -3.58
C LYS A 43 -7.56 8.45 -3.48
N GLU A 44 -8.65 7.71 -3.61
CA GLU A 44 -9.98 8.28 -3.51
C GLU A 44 -10.21 8.90 -2.11
N LYS A 45 -9.80 8.16 -1.07
CA LYS A 45 -9.95 8.61 0.32
C LYS A 45 -9.12 9.87 0.60
N LYS A 46 -7.90 9.91 0.05
CA LYS A 46 -7.00 11.04 0.27
C LYS A 46 -6.80 11.30 1.77
N GLY A 47 -6.71 10.20 2.54
CA GLY A 47 -6.51 10.28 3.99
C GLY A 47 -6.47 8.88 4.60
N ARG A 48 -6.32 8.82 5.93
CA ARG A 48 -6.28 7.54 6.65
C ARG A 48 -7.26 7.54 7.81
N GLU A 49 -8.00 6.43 7.96
CA GLU A 49 -8.98 6.28 9.04
C GLU A 49 -8.50 5.28 10.08
N ARG A 50 -7.87 4.19 9.62
CA ARG A 50 -7.36 3.16 10.52
C ARG A 50 -5.92 2.79 10.16
N GLU A 51 -4.97 3.38 10.90
CA GLU A 51 -3.52 3.12 10.68
C GLU A 51 -2.68 4.13 11.49
N HIS A 52 -1.64 3.63 12.16
CA HIS A 52 -0.77 4.50 12.96
C HIS A 52 0.44 4.94 12.14
N GLU A 53 1.30 3.97 11.76
CA GLU A 53 2.48 4.25 10.96
C GLU A 53 2.83 3.05 10.08
N HIS A 54 2.88 1.87 10.69
CA HIS A 54 3.20 0.63 9.98
C HIS A 54 2.27 -0.50 10.40
N ARG A 55 2.12 -1.49 9.51
CA ARG A 55 1.25 -2.64 9.78
C ARG A 55 1.74 -3.41 11.01
N ASP A 56 0.81 -3.73 11.91
CA ASP A 56 1.13 -4.46 13.14
C ASP A 56 0.62 -5.89 13.07
#